data_8VZ0
#
_entry.id   8VZ0
#
_cell.length_a   53.259
_cell.length_b   58.886
_cell.length_c   93.039
_cell.angle_alpha   80.10
_cell.angle_beta   75.02
_cell.angle_gamma   63.17
#
_symmetry.space_group_name_H-M   'P 1'
#
loop_
_entity.id
_entity.type
_entity.pdbx_description
1 polymer 'Estrogen receptor'
2 non-polymer (1S,2R,4S)-N-(cyclopropylmethyl)-5,6-bis(4-hydroxyphenyl)-N-(4-methoxyphenyl)-7-oxabicyclo[2.2.1]hept-5-ene-2-sulfonamide
3 water water
#
_entity_poly.entity_id   1
_entity_poly.type   'polypeptide(L)'
_entity_poly.pdbx_seq_one_letter_code
;SLALSLTADQMVSALLDAEPPILYSEYDPTRPFSEASMMGLLTNLADRELVHMINWAKRVPGFVDLTSHDQVHLLECAWL
EILMIGLVWRSMEHPGKLLFAPNLLLDRNQGKCVEGMVEIFDMLLATSSRFRMMNLQGEEFVCLKSIILLNSGVYTFLSS
TLKSLEEKDHIHRVLDKITDTLIHLMAKAGLTLQQQHQRLAQLLLILSHIRHMSNKGMEHLYSMKCKNVVPSYDLLLEML
DA
;
_entity_poly.pdbx_strand_id   A,B,C,D
#
loop_
_chem_comp.id
_chem_comp.type
_chem_comp.name
_chem_comp.formula
A1AHO non-polymer (1S,2R,4S)-N-(cyclopropylmethyl)-5,6-bis(4-hydroxyphenyl)-N-(4-methoxyphenyl)-7-oxabicyclo[2.2.1]hept-5-ene-2-sulfonamide 'C29 H29 N O6 S'
#
# COMPACT_ATOMS: atom_id res chain seq x y z
N LEU A 2 31.10 -5.24 -2.44
CA LEU A 2 32.11 -5.96 -1.68
C LEU A 2 31.67 -7.40 -1.43
N ALA A 3 30.36 -7.63 -1.50
CA ALA A 3 29.81 -8.93 -1.10
C ALA A 3 30.32 -10.06 -1.98
N LEU A 4 30.31 -9.85 -3.29
CA LEU A 4 30.72 -10.90 -4.23
C LEU A 4 32.20 -11.22 -4.16
N SER A 5 32.99 -10.46 -3.38
CA SER A 5 34.42 -10.71 -3.26
C SER A 5 34.79 -11.55 -2.03
N LEU A 6 33.87 -11.67 -1.09
CA LEU A 6 33.96 -12.66 -0.02
C LEU A 6 34.14 -14.09 -0.44
N THR A 7 35.20 -14.67 0.11
CA THR A 7 35.36 -16.10 0.23
C THR A 7 34.25 -16.66 1.10
N ALA A 8 34.11 -17.97 1.03
CA ALA A 8 33.15 -18.62 1.90
C ALA A 8 33.43 -18.23 3.35
N ASP A 9 34.70 -18.21 3.79
CA ASP A 9 34.71 -18.18 5.22
C ASP A 9 34.46 -16.80 5.70
N GLN A 10 34.75 -15.81 4.83
CA GLN A 10 34.44 -14.44 5.14
C GLN A 10 32.95 -14.21 5.20
N MET A 11 32.20 -14.87 4.32
CA MET A 11 30.74 -14.75 4.37
C MET A 11 30.21 -15.25 5.70
N VAL A 12 30.69 -16.40 6.16
CA VAL A 12 30.22 -16.94 7.44
C VAL A 12 30.50 -15.96 8.58
N SER A 13 31.72 -15.42 8.61
CA SER A 13 32.11 -14.50 9.68
C SER A 13 31.23 -13.25 9.67
N ALA A 14 31.05 -12.64 8.50
CA ALA A 14 30.14 -11.50 8.38
C ALA A 14 28.77 -11.83 8.96
N LEU A 15 28.19 -12.95 8.54
CA LEU A 15 26.84 -13.28 9.00
C LEU A 15 26.80 -13.53 10.50
N LEU A 16 27.78 -14.26 11.04
CA LEU A 16 27.80 -14.54 12.46
C LEU A 16 27.87 -13.26 13.28
N ASP A 17 28.76 -12.35 12.89
CA ASP A 17 28.91 -11.09 13.62
C ASP A 17 27.71 -10.17 13.44
N ALA A 18 26.89 -10.41 12.42
CA ALA A 18 25.68 -9.63 12.20
C ALA A 18 24.52 -10.06 13.08
N GLU A 19 24.67 -11.16 13.81
CA GLU A 19 23.53 -11.79 14.46
C GLU A 19 22.86 -10.81 15.42
N PRO A 20 21.53 -10.76 15.46
CA PRO A 20 20.84 -9.82 16.36
C PRO A 20 20.87 -10.29 17.80
N PRO A 21 20.56 -9.42 18.74
CA PRO A 21 20.60 -9.82 20.16
C PRO A 21 19.41 -10.70 20.53
N ILE A 22 19.54 -11.38 21.66
CA ILE A 22 18.43 -12.10 22.27
C ILE A 22 17.67 -11.12 23.16
N LEU A 23 16.38 -10.96 22.90
CA LEU A 23 15.54 -10.04 23.66
C LEU A 23 14.65 -10.80 24.63
N TYR A 24 14.26 -10.10 25.69
CA TYR A 24 13.39 -10.68 26.70
C TYR A 24 11.95 -10.23 26.49
N SER A 25 11.03 -11.10 26.89
CA SER A 25 9.63 -10.72 26.96
C SER A 25 9.43 -9.74 28.12
N GLU A 26 8.34 -8.96 28.05
CA GLU A 26 8.01 -8.06 29.14
C GLU A 26 7.93 -8.83 30.45
N TYR A 27 8.54 -8.28 31.48
CA TYR A 27 8.71 -9.02 32.72
C TYR A 27 7.42 -9.14 33.51
N ASP A 28 7.30 -10.28 34.20
CA ASP A 28 6.20 -10.62 35.10
C ASP A 28 4.86 -10.09 34.60
N PRO A 29 4.42 -10.51 33.42
CA PRO A 29 3.07 -10.19 32.98
C PRO A 29 2.10 -11.05 33.76
N THR A 30 0.86 -10.61 33.84
CA THR A 30 -0.13 -11.43 34.52
C THR A 30 -0.21 -12.76 33.80
N ARG A 31 0.05 -13.89 34.49
CA ARG A 31 -0.37 -15.10 33.80
C ARG A 31 -1.42 -15.76 34.71
N PRO A 32 -2.27 -16.65 34.16
CA PRO A 32 -2.33 -17.09 32.78
C PRO A 32 -2.79 -15.98 31.84
N PHE A 33 -2.59 -16.19 30.55
CA PHE A 33 -2.94 -15.17 29.58
C PHE A 33 -4.37 -15.30 29.11
N SER A 34 -4.95 -14.16 28.73
CA SER A 34 -6.10 -14.10 27.85
C SER A 34 -5.60 -14.07 26.40
N GLU A 35 -6.53 -14.11 25.45
CA GLU A 35 -6.13 -13.95 24.05
C GLU A 35 -5.49 -12.59 23.82
N ALA A 36 -6.09 -11.54 24.37
CA ALA A 36 -5.57 -10.20 24.14
C ALA A 36 -4.22 -10.00 24.79
N SER A 37 -4.06 -10.43 26.05
CA SER A 37 -2.83 -10.13 26.76
C SER A 37 -1.66 -10.89 26.14
N MET A 38 -1.87 -12.14 25.77
CA MET A 38 -0.74 -12.88 25.23
C MET A 38 -0.31 -12.25 23.90
N MET A 39 -1.28 -11.91 23.05
CA MET A 39 -0.97 -11.23 21.79
C MET A 39 -0.27 -9.92 22.04
N GLY A 40 -0.65 -9.22 23.11
CA GLY A 40 0.07 -8.02 23.47
C GLY A 40 1.53 -8.30 23.74
N LEU A 41 1.82 -9.36 24.49
CA LEU A 41 3.20 -9.71 24.80
C LEU A 41 3.97 -10.07 23.54
N LEU A 42 3.39 -10.89 22.66
CA LEU A 42 4.11 -11.29 21.47
C LEU A 42 4.26 -10.11 20.51
N THR A 43 3.22 -9.28 20.40
CA THR A 43 3.32 -8.10 19.55
C THR A 43 4.40 -7.16 20.06
N ASN A 44 4.54 -7.04 21.38
CA ASN A 44 5.55 -6.14 21.94
C ASN A 44 6.95 -6.68 21.70
N LEU A 45 7.13 -8.00 21.85
CA LEU A 45 8.42 -8.61 21.57
C LEU A 45 8.76 -8.51 20.08
N ALA A 46 7.81 -8.88 19.22
CA ALA A 46 8.07 -8.83 17.78
C ALA A 46 8.49 -7.44 17.36
N ASP A 47 7.77 -6.42 17.83
CA ASP A 47 8.07 -5.05 17.43
C ASP A 47 9.46 -4.63 17.87
N ARG A 48 9.93 -5.11 19.03
CA ARG A 48 11.27 -4.77 19.47
C ARG A 48 12.33 -5.56 18.70
N GLU A 49 12.02 -6.78 18.28
CA GLU A 49 12.95 -7.54 17.47
C GLU A 49 13.15 -6.94 16.08
N LEU A 50 12.13 -6.24 15.57
CA LEU A 50 12.19 -5.66 14.22
C LEU A 50 13.24 -4.57 14.09
N VAL A 51 13.46 -3.77 15.13
CA VAL A 51 14.55 -2.79 15.04
C VAL A 51 15.88 -3.49 14.82
N HIS A 52 16.12 -4.56 15.59
CA HIS A 52 17.37 -5.28 15.46
C HIS A 52 17.45 -6.07 14.18
N MET A 53 16.31 -6.40 13.56
CA MET A 53 16.35 -7.15 12.31
C MET A 53 16.81 -6.27 11.15
N ILE A 54 16.33 -5.01 11.10
CA ILE A 54 16.91 -4.04 10.16
C ILE A 54 18.41 -3.83 10.40
N ASN A 55 18.84 -3.66 11.65
CA ASN A 55 20.28 -3.58 11.84
C ASN A 55 20.96 -4.80 11.23
N TRP A 56 20.40 -5.99 11.46
CA TRP A 56 20.99 -7.22 10.93
C TRP A 56 20.96 -7.25 9.41
N ALA A 57 19.84 -6.83 8.82
CA ALA A 57 19.73 -6.87 7.36
C ALA A 57 20.73 -5.94 6.69
N LYS A 58 20.93 -4.73 7.25
CA LYS A 58 21.91 -3.81 6.72
C LYS A 58 23.31 -4.42 6.68
N ARG A 59 23.57 -5.46 7.49
CA ARG A 59 24.88 -6.12 7.54
C ARG A 59 24.92 -7.44 6.77
N VAL A 60 23.83 -7.87 6.16
CA VAL A 60 23.85 -9.06 5.33
C VAL A 60 24.61 -8.67 4.05
N PRO A 61 25.75 -9.30 3.77
CA PRO A 61 26.51 -8.90 2.57
C PRO A 61 25.66 -8.79 1.32
N GLY A 62 25.65 -7.61 0.70
CA GLY A 62 24.92 -7.35 -0.52
C GLY A 62 23.60 -6.62 -0.33
N PHE A 63 23.04 -6.63 0.88
CA PHE A 63 21.74 -5.99 1.09
C PHE A 63 21.83 -4.49 0.83
N VAL A 64 22.85 -3.83 1.36
CA VAL A 64 22.92 -2.37 1.29
C VAL A 64 23.10 -1.93 -0.16
N ASP A 65 23.70 -2.78 -1.00
CA ASP A 65 23.88 -2.45 -2.41
C ASP A 65 22.55 -2.20 -3.12
N LEU A 66 21.45 -2.61 -2.52
CA LEU A 66 20.14 -2.43 -3.14
C LEU A 66 19.59 -1.05 -2.82
N THR A 67 18.68 -0.59 -3.67
CA THR A 67 17.96 0.64 -3.41
C THR A 67 17.12 0.48 -2.14
N SER A 68 16.90 1.59 -1.44
CA SER A 68 16.10 1.54 -0.23
C SER A 68 14.73 0.94 -0.51
N HIS A 69 14.15 1.22 -1.68
CA HIS A 69 12.83 0.69 -2.01
C HIS A 69 12.86 -0.84 -2.03
N ASP A 70 13.84 -1.42 -2.71
CA ASP A 70 13.93 -2.88 -2.80
C ASP A 70 14.41 -3.49 -1.49
N GLN A 71 15.10 -2.72 -0.65
CA GLN A 71 15.40 -3.21 0.70
C GLN A 71 14.12 -3.36 1.51
N VAL A 72 13.27 -2.34 1.49
CA VAL A 72 12.00 -2.43 2.22
C VAL A 72 11.16 -3.59 1.70
N HIS A 73 11.14 -3.77 0.38
CA HIS A 73 10.29 -4.80 -0.20
C HIS A 73 10.71 -6.18 0.27
N LEU A 74 12.01 -6.44 0.34
CA LEU A 74 12.48 -7.72 0.83
C LEU A 74 12.10 -7.93 2.29
N LEU A 75 12.15 -6.86 3.09
CA LEU A 75 11.80 -7.00 4.51
C LEU A 75 10.30 -7.14 4.71
N GLU A 76 9.48 -6.45 3.91
CA GLU A 76 8.04 -6.67 3.96
C GLU A 76 7.72 -8.13 3.72
N CYS A 77 8.37 -8.75 2.74
CA CYS A 77 8.05 -10.11 2.36
C CYS A 77 8.59 -11.13 3.36
N ALA A 78 9.68 -10.80 4.05
CA ALA A 78 10.44 -11.79 4.80
C ALA A 78 10.34 -11.67 6.31
N TRP A 79 9.79 -10.59 6.85
CA TRP A 79 10.02 -10.28 8.25
C TRP A 79 9.45 -11.35 9.18
N LEU A 80 8.29 -11.92 8.85
CA LEU A 80 7.70 -12.93 9.72
C LEU A 80 8.45 -14.26 9.61
N GLU A 81 8.86 -14.62 8.40
CA GLU A 81 9.67 -15.83 8.21
C GLU A 81 10.97 -15.75 9.01
N ILE A 82 11.57 -14.56 9.07
CA ILE A 82 12.80 -14.34 9.83
C ILE A 82 12.52 -14.44 11.32
N LEU A 83 11.44 -13.83 11.80
CA LEU A 83 11.10 -13.97 13.20
C LEU A 83 10.86 -15.44 13.53
N MET A 84 10.24 -16.18 12.60
CA MET A 84 9.84 -17.55 12.85
C MET A 84 11.03 -18.50 12.83
N ILE A 85 11.97 -18.31 11.91
CA ILE A 85 13.11 -19.23 11.89
C ILE A 85 14.00 -18.96 13.09
N GLY A 86 14.07 -17.71 13.54
CA GLY A 86 14.74 -17.42 14.79
C GLY A 86 14.08 -18.10 15.97
N LEU A 87 12.74 -18.09 16.00
CA LEU A 87 12.02 -18.80 17.06
C LEU A 87 12.33 -20.28 17.04
N VAL A 88 12.34 -20.88 15.85
CA VAL A 88 12.56 -22.31 15.72
C VAL A 88 13.97 -22.67 16.16
N TRP A 89 14.95 -21.84 15.78
CA TRP A 89 16.33 -22.08 16.20
C TRP A 89 16.48 -21.98 17.71
N ARG A 90 15.88 -20.96 18.33
CA ARG A 90 15.96 -20.85 19.77
C ARG A 90 15.34 -22.05 20.46
N SER A 91 14.41 -22.73 19.79
CA SER A 91 13.58 -23.75 20.44
C SER A 91 14.12 -25.17 20.28
N MET A 92 15.17 -25.37 19.47
CA MET A 92 15.62 -26.72 19.16
C MET A 92 15.85 -27.55 20.42
N GLU A 93 16.60 -27.01 21.38
CA GLU A 93 16.96 -27.73 22.58
C GLU A 93 15.86 -27.73 23.64
N HIS A 94 14.63 -27.40 23.26
CA HIS A 94 13.48 -27.42 24.16
C HIS A 94 12.34 -28.14 23.44
N PRO A 95 12.49 -29.45 23.24
CA PRO A 95 11.47 -30.19 22.48
C PRO A 95 10.09 -30.05 23.11
N GLY A 96 9.09 -29.91 22.25
CA GLY A 96 7.73 -29.69 22.70
C GLY A 96 7.39 -28.27 23.08
N LYS A 97 8.35 -27.34 23.02
CA LYS A 97 8.16 -26.00 23.55
C LYS A 97 8.73 -24.98 22.57
N LEU A 98 8.17 -23.78 22.61
CA LEU A 98 8.63 -22.65 21.80
C LEU A 98 9.22 -21.60 22.73
N LEU A 99 10.49 -21.25 22.51
CA LEU A 99 11.22 -20.29 23.33
C LEU A 99 11.16 -18.92 22.65
N PHE A 100 10.02 -18.24 22.85
CA PHE A 100 9.87 -16.90 22.31
C PHE A 100 10.91 -15.95 22.89
N ALA A 101 11.17 -16.07 24.19
CA ALA A 101 12.23 -15.34 24.85
C ALA A 101 12.73 -16.21 26.00
N PRO A 102 13.90 -15.90 26.56
CA PRO A 102 14.39 -16.69 27.70
C PRO A 102 13.43 -16.71 28.87
N ASN A 103 12.56 -15.71 29.01
CA ASN A 103 11.54 -15.72 30.06
C ASN A 103 10.15 -16.04 29.54
N LEU A 104 10.03 -16.53 28.29
CA LEU A 104 8.72 -16.82 27.69
C LEU A 104 8.82 -18.11 26.89
N LEU A 105 8.72 -19.23 27.59
CA LEU A 105 8.81 -20.56 26.99
C LEU A 105 7.42 -21.19 27.08
N LEU A 106 6.78 -21.39 25.94
CA LEU A 106 5.38 -21.81 25.89
C LEU A 106 5.26 -23.24 25.40
N ASP A 107 4.48 -24.04 26.12
CA ASP A 107 4.11 -25.38 25.71
C ASP A 107 2.98 -25.33 24.69
N ARG A 108 2.68 -26.49 24.12
CA ARG A 108 1.70 -26.53 23.04
C ARG A 108 0.33 -26.03 23.48
N ASN A 109 -0.09 -26.36 24.70
CA ASN A 109 -1.46 -26.05 25.08
C ASN A 109 -1.70 -24.57 25.36
N GLN A 110 -0.64 -23.76 25.49
CA GLN A 110 -0.82 -22.32 25.64
C GLN A 110 -1.06 -21.62 24.30
N GLY A 111 -0.76 -22.28 23.18
CA GLY A 111 -1.10 -21.73 21.89
C GLY A 111 -2.59 -21.62 21.67
N LYS A 112 -3.38 -22.37 22.46
CA LYS A 112 -4.83 -22.38 22.34
C LYS A 112 -5.47 -21.07 22.76
N CYS A 113 -4.75 -20.21 23.46
CA CYS A 113 -5.34 -18.96 23.93
C CYS A 113 -5.86 -18.15 22.75
N VAL A 114 -5.04 -17.98 21.71
CA VAL A 114 -5.45 -17.33 20.48
C VAL A 114 -6.08 -18.36 19.55
N GLU A 115 -7.06 -17.91 18.77
CA GLU A 115 -8.10 -18.80 18.24
C GLU A 115 -7.53 -19.97 17.44
N GLY A 116 -6.74 -19.68 16.41
CA GLY A 116 -6.20 -20.72 15.55
C GLY A 116 -4.66 -20.64 15.60
N MET A 117 -4.05 -19.89 16.53
CA MET A 117 -2.66 -20.10 16.68
C MET A 117 -2.15 -21.35 17.35
N VAL A 118 -2.92 -22.37 17.69
CA VAL A 118 -2.28 -23.68 17.97
C VAL A 118 -1.76 -24.38 16.70
N GLU A 119 -2.43 -24.17 15.57
CA GLU A 119 -2.00 -24.83 14.34
C GLU A 119 -0.63 -24.34 13.92
N ILE A 120 -0.36 -23.04 14.04
CA ILE A 120 0.97 -22.56 13.69
C ILE A 120 1.99 -23.09 14.68
N PHE A 121 1.61 -23.14 15.96
CA PHE A 121 2.50 -23.70 16.98
C PHE A 121 2.91 -25.11 16.63
N ASP A 122 1.94 -25.93 16.25
CA ASP A 122 2.23 -27.29 15.82
C ASP A 122 3.22 -27.30 14.66
N MET A 123 3.11 -26.32 13.76
CA MET A 123 4.00 -26.27 12.61
C MET A 123 5.39 -25.82 13.01
N LEU A 124 5.48 -24.87 13.95
CA LEU A 124 6.78 -24.42 14.41
C LEU A 124 7.50 -25.52 15.17
N LEU A 125 6.77 -26.22 16.04
CA LEU A 125 7.37 -27.33 16.78
C LEU A 125 7.93 -28.38 15.84
N ALA A 126 7.15 -28.77 14.83
CA ALA A 126 7.61 -29.78 13.88
C ALA A 126 8.85 -29.32 13.13
N THR A 127 8.95 -28.03 12.84
CA THR A 127 10.15 -27.52 12.17
C THR A 127 11.36 -27.57 13.10
N SER A 128 11.15 -27.27 14.39
CA SER A 128 12.24 -27.34 15.35
C SER A 128 12.72 -28.79 15.52
N SER A 129 11.81 -29.75 15.48
CA SER A 129 12.22 -31.14 15.51
C SER A 129 13.02 -31.51 14.27
N ARG A 130 12.61 -31.00 13.11
CA ARG A 130 13.33 -31.27 11.88
C ARG A 130 14.74 -30.68 11.94
N PHE A 131 14.89 -29.49 12.52
CA PHE A 131 16.24 -28.93 12.68
C PHE A 131 17.06 -29.75 13.67
N ARG A 132 16.44 -30.21 14.75
CA ARG A 132 17.14 -31.05 15.72
C ARG A 132 17.57 -32.36 15.09
N MET A 133 16.67 -32.98 14.31
CA MET A 133 17.00 -34.21 13.59
C MET A 133 18.19 -34.01 12.66
N MET A 134 18.16 -32.96 11.85
CA MET A 134 19.27 -32.72 10.95
C MET A 134 20.51 -32.20 11.65
N ASN A 135 20.42 -31.91 12.94
CA ASN A 135 21.55 -31.32 13.67
C ASN A 135 21.99 -30.04 12.99
N LEU A 136 21.03 -29.16 12.71
CA LEU A 136 21.34 -27.89 12.08
C LEU A 136 22.42 -27.17 12.88
N GLN A 137 23.45 -26.71 12.17
CA GLN A 137 24.55 -25.98 12.79
C GLN A 137 24.31 -24.48 12.71
N GLY A 138 24.83 -23.75 13.70
CA GLY A 138 24.60 -22.32 13.73
C GLY A 138 25.07 -21.60 12.47
N GLU A 139 26.23 -22.00 11.95
CA GLU A 139 26.72 -21.42 10.70
C GLU A 139 25.77 -21.70 9.54
N GLU A 140 25.03 -22.81 9.59
CA GLU A 140 24.03 -23.09 8.58
C GLU A 140 22.78 -22.23 8.76
N PHE A 141 22.38 -22.03 10.02
CA PHE A 141 21.19 -21.23 10.29
C PHE A 141 21.35 -19.79 9.79
N VAL A 142 22.50 -19.16 10.06
CA VAL A 142 22.65 -17.77 9.63
C VAL A 142 22.66 -17.68 8.11
N CYS A 143 23.14 -18.71 7.42
CA CYS A 143 23.02 -18.73 5.97
C CYS A 143 21.57 -18.86 5.55
N LEU A 144 20.83 -19.78 6.16
CA LEU A 144 19.43 -19.96 5.78
C LEU A 144 18.63 -18.69 6.04
N LYS A 145 18.91 -18.00 7.16
CA LYS A 145 18.14 -16.81 7.48
C LYS A 145 18.43 -15.68 6.48
N SER A 146 19.65 -15.61 5.97
CA SER A 146 19.96 -14.63 4.94
C SER A 146 19.35 -15.00 3.61
N ILE A 147 19.21 -16.30 3.32
CA ILE A 147 18.55 -16.73 2.09
C ILE A 147 17.10 -16.26 2.11
N ILE A 148 16.42 -16.47 3.23
CA ILE A 148 15.05 -16.00 3.42
C ILE A 148 14.91 -14.52 3.09
N LEU A 149 15.81 -13.70 3.63
CA LEU A 149 15.72 -12.26 3.40
C LEU A 149 15.84 -11.92 1.92
N LEU A 150 16.79 -12.54 1.23
CA LEU A 150 17.04 -12.18 -0.16
C LEU A 150 16.07 -12.87 -1.11
N ASN A 151 15.69 -14.11 -0.81
CA ASN A 151 14.88 -14.88 -1.75
C ASN A 151 13.39 -14.54 -1.67
N SER A 152 12.87 -14.31 -0.48
CA SER A 152 11.42 -14.28 -0.31
C SER A 152 10.76 -13.21 -1.18
N GLY A 153 11.43 -12.09 -1.40
CA GLY A 153 10.81 -11.00 -2.14
C GLY A 153 11.34 -10.81 -3.55
N VAL A 154 12.41 -11.51 -3.91
CA VAL A 154 13.06 -11.23 -5.19
C VAL A 154 12.12 -11.50 -6.35
N TYR A 155 11.24 -12.50 -6.22
CA TYR A 155 10.41 -12.90 -7.35
C TYR A 155 9.21 -12.00 -7.59
N THR A 156 9.01 -10.97 -6.79
CA THR A 156 7.92 -10.03 -7.04
C THR A 156 8.46 -8.61 -7.06
N PHE A 157 9.68 -8.40 -7.59
CA PHE A 157 10.08 -7.02 -7.92
C PHE A 157 9.28 -6.54 -9.13
N SER A 160 9.08 -1.77 -15.48
CA SER A 160 9.84 -2.72 -16.28
C SER A 160 11.20 -2.18 -16.70
N THR A 161 11.80 -1.38 -15.83
CA THR A 161 13.11 -0.79 -16.06
C THR A 161 14.22 -1.83 -16.10
N LEU A 162 15.35 -1.42 -16.70
CA LEU A 162 16.58 -2.21 -16.69
C LEU A 162 17.21 -2.22 -15.31
N LYS A 163 16.97 -1.18 -14.51
CA LYS A 163 17.46 -1.17 -13.14
C LYS A 163 17.00 -2.43 -12.42
N SER A 164 15.71 -2.74 -12.53
CA SER A 164 15.14 -3.89 -11.85
C SER A 164 15.89 -5.17 -12.18
N LEU A 165 16.23 -5.39 -13.46
CA LEU A 165 16.89 -6.65 -13.75
C LEU A 165 18.27 -6.70 -13.11
N GLU A 166 18.94 -5.54 -12.98
CA GLU A 166 20.26 -5.53 -12.36
C GLU A 166 20.18 -6.01 -10.91
N GLU A 167 19.14 -5.62 -10.16
CA GLU A 167 19.15 -5.96 -8.74
C GLU A 167 18.81 -7.42 -8.50
N LYS A 168 17.83 -7.91 -9.24
CA LYS A 168 17.52 -9.33 -9.29
C LYS A 168 18.72 -10.19 -9.65
N ASP A 169 19.49 -9.80 -10.66
CA ASP A 169 20.74 -10.50 -10.92
C ASP A 169 21.66 -10.41 -9.71
N HIS A 170 21.70 -9.25 -9.06
CA HIS A 170 22.59 -9.06 -7.91
C HIS A 170 22.13 -9.90 -6.70
N ILE A 171 20.85 -9.80 -6.33
CA ILE A 171 20.23 -10.88 -5.58
C ILE A 171 20.70 -12.28 -5.95
N HIS A 172 20.41 -12.74 -7.16
CA HIS A 172 20.69 -14.14 -7.47
C HIS A 172 22.18 -14.44 -7.42
N ARG A 173 23.05 -13.44 -7.62
CA ARG A 173 24.48 -13.68 -7.44
C ARG A 173 24.83 -13.84 -5.95
N VAL A 174 24.26 -13.02 -5.06
CA VAL A 174 24.53 -13.20 -3.65
C VAL A 174 23.99 -14.54 -3.15
N LEU A 175 22.77 -14.89 -3.57
CA LEU A 175 22.20 -16.18 -3.21
C LEU A 175 23.14 -17.30 -3.62
N ASP A 176 23.64 -17.26 -4.87
CA ASP A 176 24.62 -18.25 -5.30
C ASP A 176 25.82 -18.28 -4.36
N LYS A 177 26.25 -17.13 -3.88
CA LYS A 177 27.42 -17.08 -2.99
C LYS A 177 27.11 -17.71 -1.64
N ILE A 178 25.88 -17.52 -1.15
CA ILE A 178 25.52 -18.17 0.11
C ILE A 178 25.36 -19.68 -0.09
N THR A 179 24.87 -20.10 -1.26
CA THR A 179 24.91 -21.52 -1.60
C THR A 179 26.33 -22.06 -1.57
N ASP A 180 27.26 -21.34 -2.21
CA ASP A 180 28.66 -21.75 -2.15
C ASP A 180 29.13 -21.86 -0.71
N THR A 181 28.69 -20.93 0.14
CA THR A 181 29.10 -20.93 1.54
C THR A 181 28.55 -22.15 2.28
N LEU A 182 27.27 -22.43 2.11
CA LEU A 182 26.69 -23.61 2.74
C LEU A 182 27.46 -24.87 2.35
N ILE A 183 27.72 -25.03 1.04
CA ILE A 183 28.47 -26.19 0.56
C ILE A 183 29.84 -26.24 1.20
N HIS A 184 30.50 -25.08 1.32
CA HIS A 184 31.85 -25.08 1.85
C HIS A 184 31.88 -25.51 3.30
N LEU A 185 30.87 -25.11 4.08
CA LEU A 185 30.80 -25.54 5.47
C LEU A 185 30.60 -27.06 5.53
N MET A 186 29.77 -27.59 4.64
CA MET A 186 29.51 -29.03 4.61
C MET A 186 30.77 -29.80 4.24
N ALA A 187 31.51 -29.32 3.24
CA ALA A 187 32.73 -30.01 2.85
C ALA A 187 33.77 -29.95 3.97
N LYS A 188 33.94 -28.78 4.60
CA LYS A 188 34.85 -28.71 5.74
C LYS A 188 34.42 -29.68 6.84
N ALA A 189 33.11 -29.80 7.06
CA ALA A 189 32.63 -30.74 8.07
C ALA A 189 33.10 -32.16 7.78
N GLY A 190 33.28 -32.49 6.50
CA GLY A 190 33.68 -33.83 6.10
C GLY A 190 32.64 -34.62 5.36
N LEU A 191 31.54 -33.99 4.95
CA LEU A 191 30.50 -34.70 4.21
C LEU A 191 30.97 -35.03 2.80
N THR A 192 30.54 -36.17 2.29
CA THR A 192 30.83 -36.50 0.90
C THR A 192 30.07 -35.55 -0.02
N LEU A 193 30.39 -35.63 -1.31
CA LEU A 193 29.68 -34.81 -2.28
C LEU A 193 28.19 -35.12 -2.26
N GLN A 194 27.84 -36.41 -2.29
CA GLN A 194 26.44 -36.80 -2.32
C GLN A 194 25.70 -36.31 -1.08
N GLN A 195 26.32 -36.46 0.10
CA GLN A 195 25.69 -35.95 1.31
C GLN A 195 25.57 -34.43 1.27
N GLN A 196 26.59 -33.75 0.74
CA GLN A 196 26.53 -32.30 0.63
C GLN A 196 25.32 -31.87 -0.21
N HIS A 197 25.15 -32.49 -1.37
CA HIS A 197 24.03 -32.13 -2.23
C HIS A 197 22.70 -32.43 -1.55
N GLN A 198 22.60 -33.59 -0.90
CA GLN A 198 21.33 -33.96 -0.26
C GLN A 198 21.02 -33.06 0.93
N ARG A 199 22.04 -32.68 1.71
CA ARG A 199 21.78 -31.84 2.86
C ARG A 199 21.37 -30.44 2.43
N LEU A 200 22.01 -29.92 1.38
CA LEU A 200 21.63 -28.61 0.85
C LEU A 200 20.15 -28.59 0.44
N ALA A 201 19.73 -29.55 -0.39
CA ALA A 201 18.35 -29.56 -0.87
C ALA A 201 17.35 -29.54 0.30
N GLN A 202 17.55 -30.44 1.23
CA GLN A 202 16.92 -30.65 2.53
C GLN A 202 16.96 -29.51 3.51
N LEU A 203 17.95 -28.63 3.47
CA LEU A 203 17.82 -27.35 4.15
C LEU A 203 16.97 -26.38 3.36
N LEU A 204 17.09 -26.38 2.02
CA LEU A 204 16.32 -25.43 1.22
C LEU A 204 14.85 -25.82 1.12
N LEU A 205 14.54 -27.11 1.13
CA LEU A 205 13.15 -27.56 1.08
C LEU A 205 12.37 -27.14 2.32
N ILE A 206 13.04 -27.04 3.47
CA ILE A 206 12.41 -26.59 4.71
C ILE A 206 11.97 -25.13 4.59
N LEU A 207 12.64 -24.34 3.77
CA LEU A 207 12.27 -22.96 3.58
C LEU A 207 10.88 -22.81 2.99
N SER A 208 10.45 -23.77 2.14
CA SER A 208 9.09 -23.69 1.62
C SER A 208 8.07 -23.84 2.73
N HIS A 209 8.35 -24.72 3.70
CA HIS A 209 7.46 -24.86 4.85
C HIS A 209 7.44 -23.60 5.70
N ILE A 210 8.59 -22.94 5.86
CA ILE A 210 8.64 -21.70 6.61
C ILE A 210 7.82 -20.62 5.92
N ARG A 211 7.91 -20.54 4.59
CA ARG A 211 6.99 -19.69 3.84
C ARG A 211 5.55 -20.03 4.18
N HIS A 212 5.19 -21.32 4.12
CA HIS A 212 3.83 -21.73 4.40
C HIS A 212 3.38 -21.25 5.78
N MET A 213 4.18 -21.53 6.81
CA MET A 213 3.86 -21.07 8.15
C MET A 213 3.65 -19.55 8.19
N SER A 214 4.51 -18.81 7.49
CA SER A 214 4.39 -17.36 7.48
C SER A 214 3.07 -16.93 6.85
N ASN A 215 2.73 -17.53 5.71
CA ASN A 215 1.46 -17.20 5.07
C ASN A 215 0.27 -17.53 5.97
N LYS A 216 0.31 -18.69 6.64
CA LYS A 216 -0.78 -19.03 7.55
C LYS A 216 -0.87 -18.02 8.68
N GLY A 217 0.28 -17.73 9.32
CA GLY A 217 0.32 -16.75 10.39
C GLY A 217 -0.39 -15.46 10.03
N MET A 218 0.04 -14.82 8.93
CA MET A 218 -0.69 -13.66 8.43
C MET A 218 -2.17 -13.95 8.25
N GLU A 219 -2.50 -15.07 7.61
CA GLU A 219 -3.89 -15.34 7.29
C GLU A 219 -4.76 -15.35 8.53
N HIS A 220 -4.37 -16.13 9.55
CA HIS A 220 -5.16 -16.21 10.77
C HIS A 220 -5.19 -14.88 11.49
N LEU A 221 -4.07 -14.16 11.45
CA LEU A 221 -4.02 -12.86 12.08
C LEU A 221 -5.19 -12.00 11.55
N TYR A 222 -5.30 -11.91 10.22
CA TYR A 222 -6.34 -11.10 9.61
C TYR A 222 -7.72 -11.56 10.05
N SER A 223 -7.97 -12.87 10.02
CA SER A 223 -9.26 -13.42 10.43
C SER A 223 -9.48 -13.22 11.93
N MET A 224 -9.60 -11.97 12.35
CA MET A 224 -9.81 -11.62 13.75
C MET A 224 -10.21 -10.15 13.80
N LYS A 227 -3.87 -7.01 12.29
CA LYS A 227 -3.96 -6.42 10.96
C LYS A 227 -3.06 -5.20 10.87
N ASN A 228 -3.40 -4.16 11.65
CA ASN A 228 -2.57 -2.95 11.71
C ASN A 228 -1.23 -3.25 12.36
N VAL A 229 -1.19 -4.30 13.19
CA VAL A 229 0.03 -4.82 13.81
C VAL A 229 1.12 -5.19 12.82
N VAL A 230 0.75 -5.54 11.58
CA VAL A 230 1.81 -5.79 10.59
C VAL A 230 2.61 -4.52 10.36
N PRO A 231 3.94 -4.60 10.22
CA PRO A 231 4.72 -3.37 10.00
C PRO A 231 4.53 -2.79 8.60
N SER A 232 4.33 -1.48 8.55
CA SER A 232 4.05 -0.79 7.30
C SER A 232 5.33 -0.53 6.52
N TYR A 233 5.15 -0.24 5.23
CA TYR A 233 6.25 0.14 4.35
C TYR A 233 6.99 1.35 4.91
N ASP A 234 6.26 2.42 5.23
CA ASP A 234 6.89 3.63 5.74
C ASP A 234 7.65 3.34 7.03
N LEU A 235 7.12 2.44 7.87
CA LEU A 235 7.82 2.10 9.10
C LEU A 235 9.14 1.41 8.81
N LEU A 236 9.11 0.33 8.02
CA LEU A 236 10.34 -0.31 7.61
C LEU A 236 11.27 0.70 6.94
N LEU A 237 10.71 1.55 6.09
CA LEU A 237 11.54 2.52 5.38
C LEU A 237 12.08 3.58 6.33
N GLU A 238 11.28 4.00 7.32
CA GLU A 238 11.80 4.89 8.34
C GLU A 238 12.98 4.25 9.07
N MET A 239 12.78 3.03 9.58
CA MET A 239 13.83 2.36 10.34
C MET A 239 15.09 2.16 9.50
N LEU A 240 14.92 1.89 8.20
CA LEU A 240 16.07 1.69 7.33
C LEU A 240 16.91 2.96 7.24
N ASP A 241 16.26 4.11 7.13
CA ASP A 241 17.00 5.33 6.87
C ASP A 241 17.89 5.72 8.05
N ALA A 242 17.57 5.24 9.25
CA ALA A 242 18.41 5.45 10.42
C ALA A 242 19.57 4.45 10.41
N SER B 1 12.10 -50.75 -1.03
CA SER B 1 11.41 -49.99 -2.05
C SER B 1 12.18 -49.99 -3.37
N LEU B 2 11.49 -50.39 -4.45
CA LEU B 2 12.06 -50.25 -5.78
C LEU B 2 12.26 -48.79 -6.15
N ALA B 3 11.59 -47.87 -5.45
CA ALA B 3 11.87 -46.46 -5.65
C ALA B 3 13.29 -46.12 -5.23
N LEU B 4 13.76 -46.74 -4.16
CA LEU B 4 15.08 -46.43 -3.63
C LEU B 4 16.19 -47.13 -4.40
N SER B 5 15.91 -48.15 -5.23
CA SER B 5 17.00 -48.68 -6.05
C SER B 5 17.09 -48.04 -7.40
N LEU B 6 16.21 -47.10 -7.70
CA LEU B 6 16.18 -46.54 -9.03
C LEU B 6 17.44 -45.73 -9.29
N THR B 7 17.94 -45.80 -10.53
CA THR B 7 18.97 -44.89 -10.97
C THR B 7 18.35 -43.55 -11.37
N ALA B 8 19.19 -42.54 -11.53
CA ALA B 8 18.70 -41.23 -11.97
C ALA B 8 17.95 -41.36 -13.29
N ASP B 9 18.49 -42.11 -14.24
CA ASP B 9 17.86 -42.22 -15.55
C ASP B 9 16.55 -42.99 -15.49
N GLN B 10 16.43 -43.96 -14.60
CA GLN B 10 15.14 -44.63 -14.44
C GLN B 10 14.12 -43.69 -13.83
N MET B 11 14.58 -42.84 -12.89
CA MET B 11 13.65 -41.92 -12.24
C MET B 11 13.10 -40.91 -13.23
N VAL B 12 13.96 -40.33 -14.07
CA VAL B 12 13.47 -39.39 -15.07
C VAL B 12 12.51 -40.08 -16.03
N SER B 13 12.86 -41.30 -16.45
CA SER B 13 12.02 -42.02 -17.39
C SER B 13 10.65 -42.32 -16.80
N ALA B 14 10.60 -42.62 -15.50
CA ALA B 14 9.32 -42.87 -14.85
C ALA B 14 8.49 -41.59 -14.78
N LEU B 15 9.13 -40.48 -14.43
CA LEU B 15 8.38 -39.23 -14.30
C LEU B 15 7.97 -38.69 -15.68
N LEU B 16 8.86 -38.76 -16.66
CA LEU B 16 8.51 -38.32 -18.00
C LEU B 16 7.33 -39.11 -18.56
N ASP B 17 7.32 -40.43 -18.32
CA ASP B 17 6.28 -41.29 -18.85
C ASP B 17 4.95 -41.14 -18.11
N ALA B 18 4.98 -40.59 -16.90
CA ALA B 18 3.76 -40.34 -16.14
C ALA B 18 3.19 -38.96 -16.36
N GLU B 19 3.81 -38.14 -17.22
CA GLU B 19 3.34 -36.78 -17.42
C GLU B 19 1.91 -36.75 -17.93
N PRO B 20 1.00 -36.04 -17.27
CA PRO B 20 -0.34 -35.91 -17.79
C PRO B 20 -0.35 -35.19 -19.13
N PRO B 21 -1.35 -35.43 -19.96
CA PRO B 21 -1.48 -34.63 -21.19
C PRO B 21 -1.80 -33.18 -20.86
N ILE B 22 -1.58 -32.31 -21.85
CA ILE B 22 -2.03 -30.93 -21.76
C ILE B 22 -3.48 -30.88 -22.22
N LEU B 23 -4.36 -30.40 -21.35
CA LEU B 23 -5.79 -30.42 -21.63
C LEU B 23 -6.25 -29.10 -22.23
N TYR B 24 -7.45 -29.12 -22.82
CA TYR B 24 -8.01 -27.99 -23.51
C TYR B 24 -9.14 -27.34 -22.70
N SER B 25 -9.38 -26.07 -23.01
CA SER B 25 -10.23 -25.23 -22.17
C SER B 25 -11.69 -25.67 -22.20
N GLU B 26 -12.23 -25.92 -23.39
CA GLU B 26 -13.67 -26.05 -23.57
C GLU B 26 -14.32 -26.98 -22.54
N SER B 37 -17.78 -16.79 -18.71
CA SER B 37 -17.23 -16.69 -17.37
C SER B 37 -15.85 -17.33 -17.33
N MET B 38 -14.87 -16.58 -16.81
CA MET B 38 -13.49 -17.06 -16.82
C MET B 38 -13.19 -17.95 -15.63
N MET B 39 -13.84 -17.73 -14.48
CA MET B 39 -13.67 -18.66 -13.37
C MET B 39 -14.31 -20.02 -13.67
N GLY B 40 -15.40 -20.03 -14.43
CA GLY B 40 -16.00 -21.30 -14.80
C GLY B 40 -15.10 -22.12 -15.71
N LEU B 41 -14.52 -21.48 -16.72
CA LEU B 41 -13.60 -22.18 -17.62
C LEU B 41 -12.43 -22.76 -16.84
N LEU B 42 -11.85 -21.97 -15.93
CA LEU B 42 -10.71 -22.45 -15.18
C LEU B 42 -11.11 -23.59 -14.24
N THR B 43 -12.28 -23.48 -13.61
CA THR B 43 -12.71 -24.53 -12.70
C THR B 43 -12.96 -25.83 -13.46
N ASN B 44 -13.62 -25.75 -14.63
CA ASN B 44 -13.78 -26.94 -15.46
C ASN B 44 -12.44 -27.55 -15.82
N LEU B 45 -11.49 -26.71 -16.24
CA LEU B 45 -10.16 -27.23 -16.60
C LEU B 45 -9.48 -27.86 -15.39
N ALA B 46 -9.50 -27.16 -14.25
CA ALA B 46 -8.87 -27.71 -13.05
C ALA B 46 -9.54 -29.01 -12.64
N ASP B 47 -10.86 -29.06 -12.72
CA ASP B 47 -11.57 -30.31 -12.42
C ASP B 47 -11.01 -31.47 -13.21
N ARG B 48 -10.82 -31.27 -14.52
CA ARG B 48 -10.26 -32.34 -15.35
C ARG B 48 -8.79 -32.54 -15.07
N GLU B 49 -8.05 -31.46 -14.81
CA GLU B 49 -6.65 -31.63 -14.45
C GLU B 49 -6.50 -32.48 -13.20
N LEU B 50 -7.45 -32.41 -12.26
CA LEU B 50 -7.19 -33.12 -11.02
C LEU B 50 -7.17 -34.62 -11.28
N VAL B 51 -8.11 -35.11 -12.08
CA VAL B 51 -8.24 -36.55 -12.29
C VAL B 51 -6.94 -37.11 -12.82
N HIS B 52 -6.23 -36.35 -13.67
CA HIS B 52 -4.94 -36.81 -14.16
C HIS B 52 -3.85 -36.69 -13.09
N MET B 53 -4.00 -35.77 -12.12
CA MET B 53 -2.92 -35.57 -11.16
C MET B 53 -2.87 -36.72 -10.14
N ILE B 54 -4.04 -37.17 -9.68
CA ILE B 54 -4.09 -38.37 -8.84
C ILE B 54 -3.44 -39.55 -9.53
N ASN B 55 -3.81 -39.77 -10.80
CA ASN B 55 -3.22 -40.91 -11.48
C ASN B 55 -1.75 -40.66 -11.78
N TRP B 56 -1.34 -39.41 -11.95
CA TRP B 56 0.08 -39.11 -12.06
C TRP B 56 0.79 -39.33 -10.73
N ALA B 57 0.19 -38.87 -9.62
CA ALA B 57 0.83 -39.03 -8.32
C ALA B 57 1.07 -40.49 -7.99
N LYS B 58 0.18 -41.38 -8.43
CA LYS B 58 0.34 -42.80 -8.13
C LYS B 58 1.55 -43.38 -8.83
N ARG B 59 2.08 -42.71 -9.84
CA ARG B 59 3.25 -43.18 -10.56
C ARG B 59 4.54 -42.46 -10.16
N VAL B 60 4.47 -41.51 -9.23
CA VAL B 60 5.69 -40.92 -8.68
C VAL B 60 6.37 -42.00 -7.84
N PRO B 61 7.60 -42.39 -8.16
CA PRO B 61 8.21 -43.51 -7.44
C PRO B 61 8.22 -43.27 -5.95
N GLY B 62 7.83 -44.31 -5.20
CA GLY B 62 7.77 -44.26 -3.75
C GLY B 62 6.50 -43.66 -3.18
N PHE B 63 5.57 -43.21 -4.02
CA PHE B 63 4.36 -42.60 -3.51
C PHE B 63 3.33 -43.64 -3.08
N VAL B 64 3.21 -44.74 -3.82
CA VAL B 64 2.21 -45.74 -3.44
C VAL B 64 2.65 -46.58 -2.26
N ASP B 65 3.93 -46.48 -1.85
CA ASP B 65 4.40 -47.14 -0.63
C ASP B 65 3.92 -46.49 0.66
N LEU B 66 3.30 -45.33 0.54
CA LEU B 66 2.65 -44.55 1.58
C LEU B 66 1.22 -45.05 1.83
N THR B 67 0.78 -45.00 3.09
CA THR B 67 -0.61 -45.29 3.38
C THR B 67 -1.51 -44.35 2.59
N SER B 68 -2.75 -44.78 2.36
CA SER B 68 -3.71 -43.92 1.66
C SER B 68 -3.98 -42.65 2.45
N HIS B 69 -3.87 -42.71 3.78
CA HIS B 69 -4.05 -41.50 4.57
C HIS B 69 -2.95 -40.49 4.26
N ASP B 70 -1.71 -40.95 4.10
CA ASP B 70 -0.60 -40.05 3.84
C ASP B 70 -0.59 -39.60 2.39
N GLN B 71 -0.99 -40.45 1.45
CA GLN B 71 -1.10 -40.01 0.06
C GLN B 71 -2.08 -38.84 -0.05
N VAL B 72 -3.22 -38.95 0.63
CA VAL B 72 -4.22 -37.88 0.58
C VAL B 72 -3.67 -36.61 1.18
N HIS B 73 -2.96 -36.73 2.31
CA HIS B 73 -2.42 -35.56 2.96
C HIS B 73 -1.44 -34.82 2.06
N LEU B 74 -0.60 -35.56 1.34
CA LEU B 74 0.33 -34.93 0.41
C LEU B 74 -0.40 -34.24 -0.73
N LEU B 75 -1.42 -34.90 -1.29
CA LEU B 75 -2.14 -34.30 -2.41
C LEU B 75 -2.93 -33.08 -1.96
N GLU B 76 -3.55 -33.17 -0.78
CA GLU B 76 -4.31 -32.03 -0.27
C GLU B 76 -3.40 -30.82 -0.09
N CYS B 77 -2.18 -31.04 0.39
CA CYS B 77 -1.25 -29.92 0.57
C CYS B 77 -0.76 -29.38 -0.76
N ALA B 78 -0.54 -30.25 -1.75
CA ALA B 78 0.25 -29.88 -2.93
C ALA B 78 -0.57 -29.58 -4.18
N TRP B 79 -1.89 -29.76 -4.15
CA TRP B 79 -2.64 -29.81 -5.41
C TRP B 79 -2.56 -28.49 -6.18
N LEU B 80 -2.61 -27.35 -5.48
CA LEU B 80 -2.60 -26.09 -6.22
C LEU B 80 -1.19 -25.69 -6.63
N GLU B 81 -0.17 -26.03 -5.83
CA GLU B 81 1.20 -25.79 -6.30
C GLU B 81 1.49 -26.58 -7.57
N ILE B 82 0.95 -27.80 -7.66
CA ILE B 82 1.22 -28.65 -8.82
C ILE B 82 0.54 -28.10 -10.06
N LEU B 83 -0.73 -27.69 -9.94
CA LEU B 83 -1.37 -27.00 -11.05
C LEU B 83 -0.58 -25.76 -11.46
N MET B 84 -0.19 -24.94 -10.49
CA MET B 84 0.47 -23.68 -10.80
C MET B 84 1.80 -23.91 -11.50
N ILE B 85 2.58 -24.90 -11.07
CA ILE B 85 3.87 -25.09 -11.72
C ILE B 85 3.66 -25.64 -13.12
N GLY B 86 2.60 -26.44 -13.33
CA GLY B 86 2.26 -26.84 -14.69
C GLY B 86 1.95 -25.64 -15.56
N LEU B 87 1.11 -24.73 -15.07
CA LEU B 87 0.81 -23.51 -15.79
C LEU B 87 2.07 -22.76 -16.15
N VAL B 88 2.92 -22.50 -15.16
CA VAL B 88 4.16 -21.76 -15.39
C VAL B 88 4.99 -22.45 -16.47
N TRP B 89 5.02 -23.78 -16.45
CA TRP B 89 5.80 -24.53 -17.43
C TRP B 89 5.21 -24.41 -18.82
N ARG B 90 3.88 -24.38 -18.93
CA ARG B 90 3.27 -24.22 -20.25
C ARG B 90 3.43 -22.80 -20.77
N SER B 91 3.46 -21.81 -19.88
CA SER B 91 3.48 -20.40 -20.26
C SER B 91 4.90 -19.90 -20.52
N MET B 92 5.88 -20.78 -20.40
CA MET B 92 7.27 -20.38 -20.36
C MET B 92 7.75 -19.80 -21.68
N GLU B 93 7.22 -20.29 -22.80
CA GLU B 93 7.60 -19.79 -24.11
C GLU B 93 6.64 -18.74 -24.65
N HIS B 94 5.71 -18.26 -23.82
CA HIS B 94 4.78 -17.20 -24.18
C HIS B 94 4.98 -16.04 -23.22
N PRO B 95 6.08 -15.30 -23.35
CA PRO B 95 6.35 -14.21 -22.39
C PRO B 95 5.22 -13.20 -22.35
N GLY B 96 4.80 -12.86 -21.14
CA GLY B 96 3.70 -11.94 -20.92
C GLY B 96 2.34 -12.58 -20.78
N LYS B 97 2.22 -13.88 -21.04
CA LYS B 97 0.92 -14.54 -21.10
C LYS B 97 0.98 -15.85 -20.33
N LEU B 98 -0.17 -16.29 -19.84
CA LEU B 98 -0.30 -17.55 -19.13
C LEU B 98 -1.11 -18.51 -20.00
N LEU B 99 -0.49 -19.64 -20.36
CA LEU B 99 -1.13 -20.65 -21.20
C LEU B 99 -1.85 -21.63 -20.29
N PHE B 100 -3.03 -21.22 -19.86
CA PHE B 100 -3.89 -22.13 -19.10
C PHE B 100 -4.23 -23.36 -19.93
N ALA B 101 -4.36 -23.19 -21.23
CA ALA B 101 -4.67 -24.26 -22.16
C ALA B 101 -4.32 -23.78 -23.56
N PRO B 102 -4.02 -24.68 -24.48
CA PRO B 102 -3.64 -24.23 -25.83
C PRO B 102 -4.68 -23.32 -26.47
N ASN B 103 -5.92 -23.32 -25.98
CA ASN B 103 -6.98 -22.47 -26.51
C ASN B 103 -7.48 -21.49 -25.46
N LEU B 104 -6.74 -21.31 -24.36
CA LEU B 104 -7.08 -20.37 -23.31
C LEU B 104 -5.78 -19.73 -22.84
N LEU B 105 -5.23 -18.86 -23.66
CA LEU B 105 -3.98 -18.20 -23.39
C LEU B 105 -4.36 -16.81 -22.89
N LEU B 106 -4.03 -16.46 -21.66
CA LEU B 106 -4.42 -15.14 -21.18
C LEU B 106 -3.21 -14.26 -20.87
N ASP B 107 -3.46 -12.96 -20.86
CA ASP B 107 -2.45 -11.96 -20.54
C ASP B 107 -2.96 -11.10 -19.38
N ARG B 108 -2.09 -10.19 -18.93
CA ARG B 108 -2.33 -9.50 -17.67
C ARG B 108 -3.67 -8.79 -17.65
N ASN B 109 -4.07 -8.18 -18.78
CA ASN B 109 -5.31 -7.41 -18.77
C ASN B 109 -6.50 -8.28 -18.40
N GLN B 110 -6.56 -9.50 -18.95
CA GLN B 110 -7.69 -10.38 -18.68
C GLN B 110 -7.77 -10.76 -17.21
N GLY B 111 -6.63 -10.76 -16.51
CA GLY B 111 -6.58 -11.22 -15.14
C GLY B 111 -7.60 -10.60 -14.21
N MET B 117 -7.30 -10.68 -9.40
CA MET B 117 -6.36 -11.76 -9.60
C MET B 117 -5.11 -11.28 -10.35
N VAL B 118 -4.94 -9.96 -10.42
CA VAL B 118 -3.75 -9.41 -11.03
C VAL B 118 -2.52 -9.72 -10.18
N GLU B 119 -2.69 -9.80 -8.86
CA GLU B 119 -1.57 -10.13 -7.98
C GLU B 119 -0.97 -11.48 -8.35
N ILE B 120 -1.81 -12.52 -8.39
CA ILE B 120 -1.31 -13.85 -8.70
C ILE B 120 -0.70 -13.89 -10.09
N PHE B 121 -1.39 -13.30 -11.08
CA PHE B 121 -0.92 -13.35 -12.46
C PHE B 121 0.52 -12.86 -12.59
N ASP B 122 0.82 -11.73 -11.95
CA ASP B 122 2.17 -11.21 -12.04
C ASP B 122 3.17 -12.10 -11.32
N MET B 123 2.75 -12.77 -10.25
CA MET B 123 3.65 -13.74 -9.62
C MET B 123 3.86 -14.94 -10.53
N LEU B 124 2.80 -15.42 -11.19
CA LEU B 124 2.96 -16.56 -12.09
C LEU B 124 3.85 -16.19 -13.28
N LEU B 125 3.65 -15.00 -13.84
CA LEU B 125 4.48 -14.57 -14.96
C LEU B 125 5.95 -14.42 -14.54
N ALA B 126 6.21 -13.86 -13.36
CA ALA B 126 7.60 -13.73 -12.91
C ALA B 126 8.22 -15.10 -12.74
N THR B 127 7.45 -16.09 -12.30
CA THR B 127 7.96 -17.44 -12.20
C THR B 127 8.26 -18.02 -13.59
N SER B 128 7.38 -17.75 -14.55
CA SER B 128 7.59 -18.21 -15.91
C SER B 128 8.84 -17.58 -16.51
N SER B 129 9.04 -16.28 -16.26
CA SER B 129 10.25 -15.61 -16.74
C SER B 129 11.50 -16.15 -16.07
N ARG B 130 11.41 -16.55 -14.81
CA ARG B 130 12.56 -17.12 -14.14
C ARG B 130 12.94 -18.45 -14.76
N PHE B 131 11.96 -19.34 -14.96
CA PHE B 131 12.26 -20.62 -15.61
C PHE B 131 12.87 -20.39 -16.99
N ARG B 132 12.35 -19.41 -17.75
CA ARG B 132 12.93 -19.10 -19.05
C ARG B 132 14.36 -18.61 -18.93
N MET B 133 14.59 -17.65 -18.02
CA MET B 133 15.95 -17.15 -17.79
C MET B 133 16.90 -18.29 -17.49
N MET B 134 16.46 -19.28 -16.71
CA MET B 134 17.33 -20.39 -16.35
C MET B 134 17.38 -21.51 -17.39
N ASN B 135 16.59 -21.42 -18.46
CA ASN B 135 16.49 -22.51 -19.42
C ASN B 135 16.10 -23.82 -18.72
N LEU B 136 15.05 -23.75 -17.90
CA LEU B 136 14.56 -24.95 -17.23
C LEU B 136 14.26 -26.04 -18.24
N GLN B 137 14.74 -27.25 -17.97
CA GLN B 137 14.56 -28.38 -18.87
C GLN B 137 13.41 -29.26 -18.41
N GLY B 138 12.80 -29.95 -19.37
CA GLY B 138 11.66 -30.79 -19.05
C GLY B 138 11.98 -31.92 -18.07
N GLU B 139 13.17 -32.48 -18.16
CA GLU B 139 13.59 -33.47 -17.16
C GLU B 139 13.68 -32.85 -15.78
N GLU B 140 14.07 -31.58 -15.69
CA GLU B 140 14.13 -30.91 -14.39
C GLU B 140 12.73 -30.54 -13.92
N PHE B 141 11.86 -30.14 -14.84
CA PHE B 141 10.48 -29.85 -14.51
C PHE B 141 9.82 -31.01 -13.75
N VAL B 142 9.80 -32.19 -14.36
CA VAL B 142 9.14 -33.33 -13.72
C VAL B 142 9.74 -33.59 -12.35
N CYS B 143 11.06 -33.44 -12.22
CA CYS B 143 11.69 -33.63 -10.92
C CYS B 143 11.11 -32.66 -9.89
N LEU B 144 10.95 -31.40 -10.27
CA LEU B 144 10.44 -30.41 -9.35
C LEU B 144 8.99 -30.68 -8.94
N LYS B 145 8.13 -31.10 -9.88
CA LYS B 145 6.76 -31.40 -9.43
C LYS B 145 6.73 -32.54 -8.45
N SER B 146 7.55 -33.57 -8.67
CA SER B 146 7.61 -34.68 -7.73
C SER B 146 8.02 -34.18 -6.35
N ILE B 147 9.00 -33.27 -6.29
CA ILE B 147 9.43 -32.72 -5.01
C ILE B 147 8.27 -32.01 -4.33
N ILE B 148 7.57 -31.15 -5.08
CA ILE B 148 6.43 -30.44 -4.53
C ILE B 148 5.45 -31.42 -3.89
N LEU B 149 5.15 -32.52 -4.58
CA LEU B 149 4.17 -33.47 -4.06
C LEU B 149 4.66 -34.08 -2.77
N LEU B 150 5.94 -34.47 -2.71
CA LEU B 150 6.43 -35.19 -1.56
C LEU B 150 6.85 -34.26 -0.42
N ASN B 151 7.21 -33.02 -0.74
CA ASN B 151 7.71 -32.13 0.29
C ASN B 151 6.63 -31.27 0.95
N SER B 152 5.51 -31.06 0.28
CA SER B 152 4.60 -30.00 0.72
C SER B 152 3.92 -30.36 2.03
N GLY B 153 3.58 -31.61 2.22
CA GLY B 153 2.87 -32.01 3.42
C GLY B 153 3.64 -32.90 4.38
N VAL B 154 4.91 -33.17 4.09
CA VAL B 154 5.66 -34.10 4.95
C VAL B 154 5.86 -33.49 6.34
N TYR B 155 6.04 -32.18 6.42
CA TYR B 155 6.18 -31.53 7.73
C TYR B 155 4.84 -31.43 8.47
N THR B 156 3.72 -31.60 7.77
CA THR B 156 2.41 -31.57 8.41
C THR B 156 1.93 -32.95 8.85
N PHE B 157 2.73 -34.00 8.67
CA PHE B 157 2.35 -35.30 9.23
C PHE B 157 2.43 -35.23 10.76
N LYS B 163 3.40 -46.50 9.73
CA LYS B 163 3.43 -45.61 10.88
C LYS B 163 4.12 -44.29 10.52
N SER B 164 3.89 -43.27 11.35
CA SER B 164 4.24 -41.90 10.95
C SER B 164 5.73 -41.75 10.70
N LEU B 165 6.58 -42.36 11.53
CA LEU B 165 8.00 -42.07 11.43
C LEU B 165 8.64 -42.81 10.26
N GLU B 166 8.19 -44.06 10.03
CA GLU B 166 8.59 -44.78 8.83
C GLU B 166 8.18 -44.02 7.58
N GLU B 167 6.97 -43.46 7.58
CA GLU B 167 6.49 -42.70 6.43
C GLU B 167 7.44 -41.54 6.10
N LYS B 168 7.62 -40.64 7.06
CA LYS B 168 8.47 -39.47 6.82
C LYS B 168 9.88 -39.88 6.40
N ASP B 169 10.45 -40.89 7.06
CA ASP B 169 11.79 -41.31 6.67
C ASP B 169 11.82 -41.81 5.24
N HIS B 170 10.78 -42.54 4.83
CA HIS B 170 10.69 -43.00 3.44
C HIS B 170 10.62 -41.81 2.48
N ILE B 171 9.83 -40.79 2.83
CA ILE B 171 9.66 -39.65 1.94
C ILE B 171 10.97 -38.87 1.83
N HIS B 172 11.78 -38.82 2.87
CA HIS B 172 13.03 -38.05 2.79
C HIS B 172 14.10 -38.79 1.99
N ARG B 173 14.03 -40.13 1.95
CA ARG B 173 14.93 -40.91 1.09
C ARG B 173 14.55 -40.69 -0.36
N VAL B 174 13.26 -40.81 -0.67
CA VAL B 174 12.83 -40.57 -2.05
C VAL B 174 13.22 -39.18 -2.48
N LEU B 175 13.04 -38.19 -1.60
CA LEU B 175 13.47 -36.83 -1.90
C LEU B 175 14.98 -36.77 -2.16
N ASP B 176 15.75 -37.54 -1.38
CA ASP B 176 17.18 -37.62 -1.65
C ASP B 176 17.47 -38.24 -3.01
N LYS B 177 16.66 -39.22 -3.41
CA LYS B 177 16.84 -39.79 -4.74
C LYS B 177 16.60 -38.75 -5.83
N ILE B 178 15.57 -37.93 -5.68
CA ILE B 178 15.28 -36.93 -6.70
C ILE B 178 16.37 -35.87 -6.74
N THR B 179 16.88 -35.48 -5.57
CA THR B 179 18.08 -34.65 -5.54
C THR B 179 19.20 -35.27 -6.36
N ASP B 180 19.52 -36.53 -6.09
CA ASP B 180 20.56 -37.20 -6.87
C ASP B 180 20.23 -37.20 -8.35
N THR B 181 18.95 -37.38 -8.69
CA THR B 181 18.56 -37.35 -10.09
C THR B 181 18.83 -35.98 -10.68
N LEU B 182 18.43 -34.92 -9.98
CA LEU B 182 18.67 -33.58 -10.50
C LEU B 182 20.16 -33.35 -10.71
N ILE B 183 20.97 -33.71 -9.71
CA ILE B 183 22.41 -33.48 -9.82
C ILE B 183 22.99 -34.29 -10.97
N HIS B 184 22.51 -35.51 -11.15
CA HIS B 184 23.02 -36.34 -12.24
C HIS B 184 22.73 -35.70 -13.58
N LEU B 185 21.51 -35.20 -13.77
CA LEU B 185 21.16 -34.56 -15.03
C LEU B 185 22.10 -33.40 -15.33
N MET B 186 22.41 -32.59 -14.34
CA MET B 186 23.31 -31.46 -14.54
C MET B 186 24.72 -31.93 -14.88
N ALA B 187 25.18 -32.98 -14.20
CA ALA B 187 26.52 -33.50 -14.48
C ALA B 187 26.60 -33.96 -15.92
N LYS B 188 25.60 -34.74 -16.36
CA LYS B 188 25.59 -35.08 -17.77
C LYS B 188 25.72 -33.83 -18.62
N ALA B 189 24.84 -32.86 -18.38
CA ALA B 189 24.69 -31.73 -19.28
C ALA B 189 25.95 -30.88 -19.35
N GLY B 190 26.96 -31.17 -18.53
CA GLY B 190 28.23 -30.50 -18.62
C GLY B 190 28.49 -29.46 -17.55
N LEU B 191 27.59 -29.32 -16.57
CA LEU B 191 27.81 -28.33 -15.53
C LEU B 191 28.90 -28.79 -14.57
N THR B 192 29.73 -27.85 -14.13
CA THR B 192 30.72 -28.15 -13.10
C THR B 192 30.02 -28.45 -11.77
N LEU B 193 30.75 -29.10 -10.84
CA LEU B 193 30.27 -29.13 -9.45
C LEU B 193 29.76 -27.78 -8.95
N GLN B 194 30.52 -26.67 -9.03
CA GLN B 194 29.93 -25.47 -8.41
C GLN B 194 28.62 -25.09 -9.09
N GLN B 195 28.57 -25.22 -10.42
CA GLN B 195 27.34 -24.90 -11.14
C GLN B 195 26.22 -25.87 -10.76
N GLN B 196 26.57 -27.12 -10.42
CA GLN B 196 25.55 -28.10 -10.07
C GLN B 196 24.83 -27.72 -8.79
N HIS B 197 25.57 -27.40 -7.72
CA HIS B 197 24.86 -27.08 -6.49
C HIS B 197 24.19 -25.71 -6.58
N GLN B 198 24.80 -24.76 -7.29
CA GLN B 198 24.14 -23.48 -7.51
C GLN B 198 22.83 -23.68 -8.26
N ARG B 199 22.89 -24.45 -9.35
CA ARG B 199 21.68 -24.82 -10.09
C ARG B 199 20.64 -25.45 -9.18
N LEU B 200 21.04 -26.45 -8.40
CA LEU B 200 20.08 -27.12 -7.53
C LEU B 200 19.46 -26.13 -6.54
N ALA B 201 20.24 -25.20 -6.01
CA ALA B 201 19.72 -24.23 -5.06
C ALA B 201 18.70 -23.29 -5.71
N GLN B 202 18.98 -22.85 -6.94
CA GLN B 202 18.06 -21.92 -7.59
C GLN B 202 16.71 -22.57 -7.86
N LEU B 203 16.72 -23.82 -8.34
CA LEU B 203 15.47 -24.52 -8.59
C LEU B 203 14.66 -24.68 -7.31
N LEU B 204 15.34 -24.96 -6.20
CA LEU B 204 14.61 -25.25 -4.97
C LEU B 204 14.11 -23.99 -4.28
N LEU B 205 14.84 -22.87 -4.39
CA LEU B 205 14.32 -21.63 -3.85
C LEU B 205 13.10 -21.14 -4.62
N ILE B 206 12.95 -21.53 -5.89
CA ILE B 206 11.74 -21.17 -6.62
C ILE B 206 10.52 -21.87 -6.00
N LEU B 207 10.70 -23.10 -5.51
CA LEU B 207 9.60 -23.82 -4.91
C LEU B 207 8.97 -23.05 -3.77
N SER B 208 9.77 -22.25 -3.07
CA SER B 208 9.25 -21.51 -1.93
C SER B 208 8.37 -20.35 -2.38
N HIS B 209 8.60 -19.84 -3.59
CA HIS B 209 7.70 -18.84 -4.15
C HIS B 209 6.43 -19.47 -4.68
N ILE B 210 6.53 -20.71 -5.18
CA ILE B 210 5.35 -21.41 -5.64
C ILE B 210 4.43 -21.73 -4.47
N ARG B 211 5.01 -22.07 -3.33
CA ARG B 211 4.20 -22.27 -2.14
C ARG B 211 3.49 -20.99 -1.77
N HIS B 212 4.21 -19.86 -1.86
CA HIS B 212 3.61 -18.57 -1.57
C HIS B 212 2.48 -18.26 -2.54
N MET B 213 2.69 -18.51 -3.82
CA MET B 213 1.62 -18.27 -4.80
C MET B 213 0.41 -19.15 -4.50
N SER B 214 0.65 -20.40 -4.12
CA SER B 214 -0.47 -21.29 -3.80
C SER B 214 -1.27 -20.74 -2.62
N ASN B 215 -0.60 -20.14 -1.64
CA ASN B 215 -1.31 -19.64 -0.45
C ASN B 215 -2.20 -18.40 -0.75
N LYS B 216 -1.62 -17.26 -1.20
CA LYS B 216 -2.34 -16.25 -2.04
C LYS B 216 -3.49 -16.76 -2.95
N GLY B 217 -3.25 -17.68 -3.89
CA GLY B 217 -4.39 -18.19 -4.66
C GLY B 217 -5.44 -18.81 -3.77
N MET B 218 -5.01 -19.62 -2.79
CA MET B 218 -5.95 -20.31 -1.93
C MET B 218 -6.79 -19.31 -1.13
N GLU B 219 -6.16 -18.28 -0.53
CA GLU B 219 -6.99 -17.36 0.27
C GLU B 219 -7.94 -16.50 -0.60
N HIS B 220 -7.43 -15.80 -1.63
CA HIS B 220 -8.22 -15.49 -2.86
C HIS B 220 -9.30 -16.44 -3.30
N LEU B 221 -9.10 -17.74 -3.41
CA LEU B 221 -10.30 -18.51 -3.78
C LEU B 221 -11.41 -18.28 -2.78
N TYR B 222 -11.07 -18.37 -1.49
CA TYR B 222 -12.03 -18.15 -0.43
C TYR B 222 -12.51 -16.71 -0.42
N SER B 223 -11.63 -15.76 -0.75
CA SER B 223 -12.02 -14.36 -0.75
C SER B 223 -13.10 -14.08 -1.79
N MET B 224 -13.09 -14.80 -2.90
CA MET B 224 -14.10 -14.67 -3.94
C MET B 224 -15.29 -15.60 -3.73
N LYS B 225 -15.36 -16.29 -2.60
CA LYS B 225 -16.46 -17.14 -2.14
C LYS B 225 -16.44 -18.53 -2.74
N CYS B 226 -15.49 -18.86 -3.62
CA CYS B 226 -15.43 -20.19 -4.25
C CYS B 226 -14.54 -21.15 -3.45
N LYS B 227 -14.91 -21.38 -2.20
CA LYS B 227 -14.20 -22.33 -1.35
C LYS B 227 -14.74 -23.76 -1.47
N ASN B 228 -15.61 -24.02 -2.45
CA ASN B 228 -16.11 -25.36 -2.69
C ASN B 228 -15.27 -26.15 -3.68
N VAL B 229 -14.46 -25.46 -4.48
CA VAL B 229 -13.63 -26.13 -5.49
C VAL B 229 -12.38 -26.75 -4.91
N VAL B 230 -12.06 -26.47 -3.65
CA VAL B 230 -10.90 -27.06 -3.01
C VAL B 230 -11.26 -28.52 -2.76
N PRO B 231 -10.63 -29.49 -3.43
CA PRO B 231 -10.96 -30.89 -3.14
C PRO B 231 -10.67 -31.19 -1.68
N SER B 232 -11.62 -31.84 -1.03
CA SER B 232 -11.48 -32.13 0.38
C SER B 232 -10.68 -33.42 0.57
N TYR B 233 -10.32 -33.66 1.84
CA TYR B 233 -9.64 -34.90 2.20
C TYR B 233 -10.41 -36.11 1.71
N ASP B 234 -11.71 -36.18 2.02
CA ASP B 234 -12.50 -37.34 1.63
C ASP B 234 -12.58 -37.46 0.12
N LEU B 235 -12.78 -36.35 -0.57
CA LEU B 235 -12.82 -36.37 -2.02
C LEU B 235 -11.54 -36.98 -2.59
N LEU B 236 -10.39 -36.54 -2.09
CA LEU B 236 -9.11 -37.07 -2.57
C LEU B 236 -8.97 -38.54 -2.23
N LEU B 237 -9.35 -38.94 -1.02
CA LEU B 237 -9.31 -40.35 -0.64
C LEU B 237 -10.19 -41.18 -1.57
N GLU B 238 -11.35 -40.63 -1.95
CA GLU B 238 -12.24 -41.34 -2.85
C GLU B 238 -11.63 -41.49 -4.24
N MET B 239 -11.18 -40.38 -4.81
CA MET B 239 -10.56 -40.44 -6.13
C MET B 239 -9.36 -41.38 -6.15
N LEU B 240 -8.67 -41.49 -5.02
CA LEU B 240 -7.45 -42.27 -4.90
C LEU B 240 -7.77 -43.76 -4.81
N LEU C 2 19.12 24.76 -4.23
CA LEU C 2 19.12 26.00 -5.01
C LEU C 2 17.69 26.45 -5.24
N ALA C 3 16.75 25.52 -5.05
CA ALA C 3 15.35 25.82 -5.33
C ALA C 3 14.90 27.04 -4.55
N LEU C 4 15.54 27.36 -3.42
CA LEU C 4 14.96 28.47 -2.69
C LEU C 4 15.57 29.78 -3.11
N SER C 5 16.59 29.72 -3.95
CA SER C 5 17.30 30.88 -4.41
C SER C 5 16.51 31.66 -5.45
N LEU C 6 15.40 31.11 -5.95
CA LEU C 6 14.82 31.76 -7.11
C LEU C 6 13.96 32.95 -6.71
N THR C 7 13.97 33.95 -7.58
CA THR C 7 13.06 35.08 -7.53
C THR C 7 11.71 34.68 -8.10
N ALA C 8 10.74 35.59 -7.97
CA ALA C 8 9.38 35.31 -8.43
C ALA C 8 9.36 35.04 -9.94
N ASP C 9 9.94 35.94 -10.73
CA ASP C 9 9.85 35.78 -12.18
C ASP C 9 10.67 34.59 -12.68
N GLN C 10 11.72 34.21 -11.95
CA GLN C 10 12.44 32.98 -12.29
C GLN C 10 11.63 31.74 -11.95
N MET C 11 10.76 31.83 -10.93
CA MET C 11 9.89 30.70 -10.60
C MET C 11 8.80 30.54 -11.64
N VAL C 12 8.27 31.65 -12.16
CA VAL C 12 7.19 31.59 -13.15
C VAL C 12 7.65 30.84 -14.40
N SER C 13 8.75 31.30 -15.01
CA SER C 13 9.16 30.74 -16.30
C SER C 13 9.70 29.33 -16.14
N ALA C 14 10.30 29.01 -14.99
CA ALA C 14 10.62 27.61 -14.69
C ALA C 14 9.34 26.76 -14.73
N LEU C 15 8.30 27.20 -14.01
CA LEU C 15 7.03 26.50 -14.04
C LEU C 15 6.45 26.51 -15.45
N LEU C 16 6.47 27.67 -16.11
CA LEU C 16 5.95 27.77 -17.47
C LEU C 16 6.68 26.81 -18.41
N ASP C 17 8.02 26.80 -18.34
CA ASP C 17 8.79 25.90 -19.18
C ASP C 17 8.46 24.44 -18.89
N ALA C 18 8.08 24.12 -17.66
CA ALA C 18 7.85 22.75 -17.24
C ALA C 18 6.52 22.19 -17.71
N GLU C 19 5.62 23.02 -18.22
CA GLU C 19 4.28 22.57 -18.56
C GLU C 19 4.31 21.35 -19.45
N PRO C 20 3.48 20.34 -19.16
CA PRO C 20 3.42 19.14 -20.01
C PRO C 20 2.65 19.43 -21.29
N PRO C 21 2.69 18.52 -22.25
CA PRO C 21 1.98 18.74 -23.51
C PRO C 21 0.50 18.43 -23.40
N ILE C 22 -0.27 19.03 -24.31
CA ILE C 22 -1.60 18.56 -24.61
C ILE C 22 -1.50 17.20 -25.30
N LEU C 23 -2.23 16.22 -24.81
CA LEU C 23 -2.30 14.91 -25.42
C LEU C 23 -3.65 14.70 -26.10
N TYR C 24 -3.65 13.91 -27.15
CA TYR C 24 -4.89 13.65 -27.87
C TYR C 24 -5.52 12.36 -27.36
N SER C 25 -6.84 12.31 -27.43
CA SER C 25 -7.61 11.11 -27.15
C SER C 25 -7.35 10.07 -28.25
N GLU C 26 -7.52 8.79 -27.90
CA GLU C 26 -7.39 7.72 -28.88
C GLU C 26 -8.30 7.98 -30.07
N TYR C 27 -7.71 8.00 -31.26
CA TYR C 27 -8.42 8.46 -32.44
C TYR C 27 -9.59 7.56 -32.79
N ASP C 28 -10.64 8.17 -33.32
CA ASP C 28 -11.79 7.49 -33.92
C ASP C 28 -12.32 6.38 -33.01
N PRO C 29 -12.72 6.69 -31.78
CA PRO C 29 -13.43 5.72 -30.96
C PRO C 29 -14.78 5.43 -31.59
N THR C 30 -15.35 4.28 -31.23
CA THR C 30 -16.74 4.05 -31.55
C THR C 30 -17.59 5.09 -30.81
N ARG C 31 -18.34 5.86 -31.56
CA ARG C 31 -19.34 6.78 -31.02
C ARG C 31 -20.70 6.28 -31.46
N PRO C 32 -21.73 6.31 -30.59
CA PRO C 32 -21.86 6.77 -29.19
C PRO C 32 -21.09 5.92 -28.21
N PHE C 33 -20.99 6.40 -26.99
CA PHE C 33 -20.15 5.77 -25.98
C PHE C 33 -20.90 4.73 -25.17
N SER C 34 -20.24 3.60 -24.94
CA SER C 34 -20.58 2.67 -23.88
C SER C 34 -20.00 3.17 -22.55
N GLU C 35 -20.58 2.68 -21.45
CA GLU C 35 -19.98 2.96 -20.15
C GLU C 35 -18.55 2.43 -20.09
N ALA C 36 -18.33 1.23 -20.63
CA ALA C 36 -17.00 0.62 -20.58
C ALA C 36 -16.04 1.31 -21.57
N SER C 37 -16.53 1.65 -22.76
CA SER C 37 -15.64 2.24 -23.76
C SER C 37 -15.20 3.64 -23.35
N MET C 38 -16.13 4.45 -22.83
CA MET C 38 -15.73 5.77 -22.37
C MET C 38 -14.68 5.66 -21.27
N MET C 39 -14.93 4.82 -20.27
CA MET C 39 -13.91 4.60 -19.25
C MET C 39 -12.63 4.09 -19.89
N GLY C 40 -12.76 3.32 -20.96
CA GLY C 40 -11.59 2.89 -21.70
C GLY C 40 -10.78 4.05 -22.23
N LEU C 41 -11.46 5.00 -22.91
CA LEU C 41 -10.69 6.10 -23.47
C LEU C 41 -10.18 7.04 -22.38
N LEU C 42 -10.97 7.26 -21.33
CA LEU C 42 -10.51 8.16 -20.28
C LEU C 42 -9.31 7.57 -19.56
N THR C 43 -9.35 6.27 -19.27
CA THR C 43 -8.22 5.63 -18.60
C THR C 43 -6.98 5.66 -19.48
N ASN C 44 -7.15 5.37 -20.78
CA ASN C 44 -6.01 5.38 -21.69
C ASN C 44 -5.36 6.75 -21.73
N LEU C 45 -6.18 7.80 -21.83
CA LEU C 45 -5.65 9.15 -21.86
C LEU C 45 -4.93 9.47 -20.55
N ALA C 46 -5.53 9.10 -19.43
CA ALA C 46 -4.90 9.41 -18.16
C ALA C 46 -3.55 8.73 -18.08
N ASP C 47 -3.38 7.50 -18.59
CA ASP C 47 -2.12 6.93 -18.19
C ASP C 47 -1.02 7.51 -19.00
N ARG C 48 -1.36 7.94 -20.23
CA ARG C 48 -0.41 8.65 -21.05
C ARG C 48 -0.11 10.02 -20.46
N GLU C 49 -1.13 10.70 -19.95
CA GLU C 49 -0.87 11.96 -19.26
C GLU C 49 0.03 11.75 -18.06
N LEU C 50 -0.15 10.63 -17.36
CA LEU C 50 0.59 10.39 -16.13
C LEU C 50 2.09 10.43 -16.37
N VAL C 51 2.56 9.86 -17.47
CA VAL C 51 3.99 9.83 -17.74
C VAL C 51 4.53 11.26 -17.79
N HIS C 52 3.84 12.14 -18.50
CA HIS C 52 4.34 13.51 -18.62
C HIS C 52 4.21 14.26 -17.30
N MET C 53 3.22 13.92 -16.48
CA MET C 53 3.10 14.59 -15.18
C MET C 53 4.30 14.27 -14.30
N ILE C 54 4.80 13.03 -14.38
CA ILE C 54 6.05 12.71 -13.69
C ILE C 54 7.16 13.65 -14.15
N ASN C 55 7.24 13.87 -15.46
CA ASN C 55 8.29 14.74 -15.99
C ASN C 55 8.10 16.17 -15.52
N TRP C 56 6.87 16.67 -15.59
CA TRP C 56 6.60 18.01 -15.06
C TRP C 56 6.94 18.09 -13.59
N ALA C 57 6.58 17.07 -12.82
CA ALA C 57 6.81 17.09 -11.38
C ALA C 57 8.29 17.22 -11.05
N LYS C 58 9.14 16.42 -11.72
CA LYS C 58 10.58 16.51 -11.52
C LYS C 58 11.17 17.90 -11.72
N ARG C 59 10.47 18.74 -12.39
CA ARG C 59 10.98 19.93 -13.04
C ARG C 59 10.38 21.15 -12.36
N VAL C 60 9.53 20.90 -11.36
CA VAL C 60 8.97 21.86 -10.41
C VAL C 60 10.03 22.21 -9.38
N PRO C 61 10.41 23.48 -9.24
CA PRO C 61 11.50 23.82 -8.33
C PRO C 61 11.32 23.25 -6.92
N GLY C 62 12.28 22.46 -6.48
CA GLY C 62 12.27 21.89 -5.15
C GLY C 62 11.84 20.45 -5.07
N PHE C 63 11.20 19.92 -6.11
CA PHE C 63 10.65 18.57 -6.02
C PHE C 63 11.76 17.53 -5.92
N VAL C 64 12.73 17.58 -6.84
CA VAL C 64 13.82 16.62 -6.80
C VAL C 64 14.75 16.81 -5.62
N ASP C 65 14.53 17.84 -4.80
CA ASP C 65 15.32 17.95 -3.58
C ASP C 65 14.88 16.95 -2.52
N LEU C 66 13.72 16.32 -2.71
CA LEU C 66 13.17 15.34 -1.79
C LEU C 66 13.70 13.95 -2.10
N THR C 67 13.57 13.04 -1.14
CA THR C 67 13.85 11.64 -1.42
C THR C 67 12.80 11.09 -2.36
N SER C 68 13.15 10.01 -3.06
CA SER C 68 12.22 9.41 -4.00
C SER C 68 10.94 8.96 -3.33
N HIS C 69 11.02 8.60 -2.04
CA HIS C 69 9.84 8.13 -1.33
C HIS C 69 8.83 9.24 -1.13
N ASP C 70 9.29 10.41 -0.70
CA ASP C 70 8.40 11.55 -0.52
C ASP C 70 7.88 12.05 -1.86
N GLN C 71 8.69 11.98 -2.91
CA GLN C 71 8.22 12.40 -4.23
C GLN C 71 7.06 11.53 -4.70
N VAL C 72 7.18 10.21 -4.51
CA VAL C 72 6.06 9.34 -4.86
C VAL C 72 4.85 9.64 -4.00
N HIS C 73 5.08 9.85 -2.69
CA HIS C 73 3.95 10.11 -1.80
C HIS C 73 3.19 11.36 -2.21
N LEU C 74 3.90 12.42 -2.61
CA LEU C 74 3.22 13.61 -3.10
C LEU C 74 2.48 13.33 -4.40
N LEU C 75 3.06 12.49 -5.26
CA LEU C 75 2.38 12.19 -6.51
C LEU C 75 1.16 11.29 -6.29
N GLU C 76 1.26 10.31 -5.39
CA GLU C 76 0.12 9.45 -5.12
C GLU C 76 -1.07 10.29 -4.68
N CYS C 77 -0.82 11.29 -3.85
CA CYS C 77 -1.86 12.10 -3.26
C CYS C 77 -2.45 13.09 -4.27
N ALA C 78 -1.61 13.63 -5.15
CA ALA C 78 -2.04 14.76 -5.98
C ALA C 78 -2.44 14.40 -7.41
N TRP C 79 -2.17 13.17 -7.87
CA TRP C 79 -2.20 12.93 -9.32
C TRP C 79 -3.57 13.22 -9.93
N LEU C 80 -4.66 12.89 -9.24
CA LEU C 80 -5.98 13.10 -9.82
C LEU C 80 -6.39 14.57 -9.74
N GLU C 81 -6.05 15.24 -8.65
CA GLU C 81 -6.25 16.68 -8.58
C GLU C 81 -5.55 17.40 -9.72
N ILE C 82 -4.32 16.98 -10.03
CA ILE C 82 -3.55 17.61 -11.09
C ILE C 82 -4.18 17.34 -12.46
N LEU C 83 -4.55 16.08 -12.73
CA LEU C 83 -5.28 15.80 -13.96
C LEU C 83 -6.54 16.66 -14.05
N MET C 84 -7.19 16.91 -12.92
CA MET C 84 -8.49 17.57 -12.93
C MET C 84 -8.37 19.06 -13.15
N ILE C 85 -7.37 19.71 -12.56
CA ILE C 85 -7.23 21.15 -12.75
C ILE C 85 -6.71 21.44 -14.16
N GLY C 86 -5.90 20.54 -14.71
CA GLY C 86 -5.55 20.65 -16.11
C GLY C 86 -6.76 20.55 -17.02
N LEU C 87 -7.67 19.62 -16.71
CA LEU C 87 -8.91 19.54 -17.46
C LEU C 87 -9.74 20.81 -17.30
N VAL C 88 -9.85 21.30 -16.06
CA VAL C 88 -10.61 22.52 -15.82
C VAL C 88 -10.05 23.67 -16.66
N TRP C 89 -8.72 23.78 -16.72
CA TRP C 89 -8.08 24.89 -17.42
C TRP C 89 -8.30 24.78 -18.92
N ARG C 90 -8.13 23.58 -19.48
CA ARG C 90 -8.42 23.40 -20.90
C ARG C 90 -9.84 23.77 -21.26
N SER C 91 -10.75 23.73 -20.29
CA SER C 91 -12.18 23.85 -20.55
C SER C 91 -12.73 25.25 -20.31
N MET C 92 -11.90 26.20 -19.86
CA MET C 92 -12.40 27.53 -19.52
C MET C 92 -13.13 28.17 -20.70
N GLU C 93 -12.49 28.22 -21.86
N GLU C 93 -12.48 28.24 -21.86
CA GLU C 93 -13.04 28.84 -23.05
CA GLU C 93 -13.08 28.87 -23.03
C GLU C 93 -14.13 28.01 -23.71
C GLU C 93 -14.06 27.94 -23.75
N HIS C 94 -14.60 26.95 -23.05
CA HIS C 94 -15.61 26.04 -23.59
C HIS C 94 -16.71 25.86 -22.56
N PRO C 95 -17.49 26.90 -22.28
CA PRO C 95 -18.51 26.80 -21.24
C PRO C 95 -19.55 25.74 -21.54
N GLY C 96 -19.94 25.00 -20.50
CA GLY C 96 -20.85 23.88 -20.64
C GLY C 96 -20.19 22.57 -21.00
N LYS C 97 -18.92 22.59 -21.40
CA LYS C 97 -18.26 21.40 -21.93
C LYS C 97 -16.91 21.20 -21.25
N LEU C 98 -16.46 19.96 -21.29
CA LEU C 98 -15.16 19.57 -20.74
C LEU C 98 -14.29 19.08 -21.89
N LEU C 99 -13.11 19.70 -22.04
CA LEU C 99 -12.21 19.40 -23.15
C LEU C 99 -11.12 18.47 -22.63
N PHE C 100 -11.47 17.19 -22.53
CA PHE C 100 -10.52 16.19 -22.06
C PHE C 100 -9.30 16.13 -22.97
N ALA C 101 -9.54 16.16 -24.28
CA ALA C 101 -8.50 16.25 -25.28
C ALA C 101 -9.04 17.14 -26.39
N PRO C 102 -8.16 17.71 -27.21
CA PRO C 102 -8.65 18.52 -28.35
C PRO C 102 -9.61 17.77 -29.25
N ASN C 103 -9.60 16.43 -29.22
CA ASN C 103 -10.51 15.62 -30.01
C ASN C 103 -11.55 14.90 -29.15
N LEU C 104 -11.71 15.32 -27.89
CA LEU C 104 -12.65 14.69 -26.95
C LEU C 104 -13.26 15.80 -26.09
N LEU C 105 -14.24 16.49 -26.67
CA LEU C 105 -14.95 17.58 -26.01
C LEU C 105 -16.34 17.07 -25.65
N LEU C 106 -16.59 16.86 -24.35
CA LEU C 106 -17.81 16.20 -23.90
C LEU C 106 -18.74 17.20 -23.22
N ASP C 107 -20.02 17.11 -23.57
CA ASP C 107 -21.06 17.89 -22.93
C ASP C 107 -21.52 17.17 -21.66
N ARG C 108 -22.39 17.83 -20.91
CA ARG C 108 -22.84 17.25 -19.65
C ARG C 108 -23.66 15.97 -19.86
N ASN C 109 -24.37 15.86 -20.98
CA ASN C 109 -25.23 14.71 -21.21
C ASN C 109 -24.36 13.48 -21.21
N GLN C 110 -23.04 13.70 -21.51
CA GLN C 110 -22.22 12.55 -21.93
C GLN C 110 -21.65 12.19 -20.54
N GLY C 111 -21.75 13.09 -19.56
CA GLY C 111 -21.35 12.70 -18.22
C GLY C 111 -22.15 11.53 -17.66
N LYS C 112 -23.44 11.48 -18.01
CA LYS C 112 -24.36 10.50 -17.47
C LYS C 112 -24.01 9.07 -17.89
N CYS C 113 -23.25 8.88 -18.98
CA CYS C 113 -22.92 7.52 -19.40
C CYS C 113 -22.38 6.68 -18.24
N VAL C 114 -21.56 7.26 -17.38
CA VAL C 114 -21.02 6.50 -16.24
C VAL C 114 -21.85 6.86 -15.01
N GLU C 115 -22.01 5.88 -14.12
CA GLU C 115 -22.98 6.00 -13.03
C GLU C 115 -22.67 7.17 -12.11
N GLY C 116 -21.40 7.36 -11.74
CA GLY C 116 -21.05 8.41 -10.79
C GLY C 116 -20.50 9.67 -11.42
N MET C 117 -20.21 9.61 -12.70
CA MET C 117 -19.68 10.79 -13.35
C MET C 117 -20.62 11.92 -13.68
N VAL C 118 -21.95 11.87 -13.80
CA VAL C 118 -22.56 13.21 -14.09
C VAL C 118 -22.31 14.19 -12.93
N GLU C 119 -22.24 13.68 -11.70
CA GLU C 119 -22.08 14.57 -10.55
C GLU C 119 -20.72 15.27 -10.56
N ILE C 120 -19.65 14.51 -10.83
CA ILE C 120 -18.31 15.10 -10.88
C ILE C 120 -18.17 16.02 -12.09
N PHE C 121 -18.72 15.62 -13.21
CA PHE C 121 -18.78 16.51 -14.37
CA PHE C 121 -18.81 16.49 -14.38
C PHE C 121 -19.34 17.87 -13.98
N ASP C 122 -20.50 17.88 -13.31
CA ASP C 122 -21.11 19.13 -12.89
C ASP C 122 -20.20 19.95 -12.00
N MET C 123 -19.44 19.27 -11.13
CA MET C 123 -18.49 19.96 -10.26
C MET C 123 -17.36 20.56 -11.08
N LEU C 124 -16.82 19.81 -12.04
CA LEU C 124 -15.72 20.32 -12.85
C LEU C 124 -16.17 21.50 -13.70
N LEU C 125 -17.38 21.44 -14.26
CA LEU C 125 -17.92 22.58 -14.99
C LEU C 125 -18.01 23.80 -14.10
N ALA C 126 -18.52 23.63 -12.87
CA ALA C 126 -18.63 24.76 -11.95
C ALA C 126 -17.27 25.35 -11.64
N THR C 127 -16.24 24.52 -11.56
CA THR C 127 -14.89 25.02 -11.29
C THR C 127 -14.38 25.85 -12.47
N SER C 128 -14.65 25.41 -13.69
CA SER C 128 -14.19 26.13 -14.87
C SER C 128 -14.92 27.46 -15.04
N SER C 129 -16.21 27.50 -14.73
CA SER C 129 -16.93 28.77 -14.69
C SER C 129 -16.30 29.72 -13.67
N ARG C 130 -16.03 29.23 -12.47
CA ARG C 130 -15.38 30.05 -11.45
C ARG C 130 -14.05 30.59 -11.96
N PHE C 131 -13.24 29.73 -12.60
CA PHE C 131 -11.97 30.21 -13.15
C PHE C 131 -12.21 31.22 -14.26
N ARG C 132 -13.22 30.96 -15.10
CA ARG C 132 -13.54 31.89 -16.18
C ARG C 132 -13.86 33.27 -15.64
N MET C 133 -14.61 33.35 -14.55
CA MET C 133 -15.10 34.63 -14.08
C MET C 133 -14.09 35.32 -13.18
N MET C 134 -13.17 34.57 -12.57
CA MET C 134 -12.00 35.16 -11.95
C MET C 134 -10.98 35.56 -12.99
N ASN C 135 -11.13 35.00 -14.21
CA ASN C 135 -10.26 35.30 -15.33
C ASN C 135 -8.83 35.00 -14.95
N LEU C 136 -8.70 33.76 -14.49
CA LEU C 136 -7.46 33.13 -14.13
C LEU C 136 -6.46 33.20 -15.26
N GLN C 137 -5.25 33.62 -14.91
CA GLN C 137 -4.18 33.80 -15.87
C GLN C 137 -3.27 32.58 -15.87
N GLY C 138 -2.71 32.29 -17.04
CA GLY C 138 -1.86 31.11 -17.17
C GLY C 138 -0.75 31.08 -16.14
N GLU C 139 -0.11 32.23 -15.89
CA GLU C 139 0.92 32.27 -14.87
C GLU C 139 0.36 31.89 -13.50
N GLU C 140 -0.90 32.23 -13.23
CA GLU C 140 -1.50 31.83 -11.96
C GLU C 140 -1.83 30.34 -11.95
N PHE C 141 -2.26 29.78 -13.10
CA PHE C 141 -2.61 28.37 -13.16
C PHE C 141 -1.40 27.49 -12.84
N VAL C 142 -0.22 27.83 -13.37
CA VAL C 142 0.94 26.96 -13.15
C VAL C 142 1.38 27.03 -11.69
N CYS C 143 1.21 28.18 -11.04
CA CYS C 143 1.49 28.23 -9.62
C CYS C 143 0.49 27.38 -8.84
N LEU C 144 -0.77 27.38 -9.27
CA LEU C 144 -1.78 26.60 -8.55
C LEU C 144 -1.55 25.10 -8.66
N LYS C 145 -1.10 24.59 -9.82
CA LYS C 145 -0.84 23.15 -9.86
C LYS C 145 0.34 22.76 -8.99
N SER C 146 1.42 23.54 -9.04
CA SER C 146 2.58 23.22 -8.22
C SER C 146 2.22 23.24 -6.74
N ILE C 147 1.27 24.10 -6.34
CA ILE C 147 0.81 24.08 -4.96
C ILE C 147 0.12 22.75 -4.66
N ILE C 148 -0.79 22.33 -5.55
CA ILE C 148 -1.47 21.04 -5.39
C ILE C 148 -0.46 19.92 -5.17
N LEU C 149 0.59 19.90 -6.00
CA LEU C 149 1.55 18.79 -5.94
C LEU C 149 2.28 18.77 -4.60
N LEU C 150 2.67 19.94 -4.10
CA LEU C 150 3.46 20.00 -2.88
C LEU C 150 2.61 20.10 -1.62
N ASN C 151 1.33 20.46 -1.74
CA ASN C 151 0.49 20.60 -0.56
C ASN C 151 -0.38 19.39 -0.28
N SER C 152 -0.76 18.63 -1.31
CA SER C 152 -1.78 17.61 -1.12
C SER C 152 -1.32 16.49 -0.20
N GLY C 153 -0.04 16.13 -0.26
CA GLY C 153 0.46 14.99 0.49
C GLY C 153 1.37 15.33 1.66
N VAL C 154 1.67 16.62 1.84
CA VAL C 154 2.68 17.00 2.82
C VAL C 154 2.22 16.72 4.25
N TYR C 155 0.91 16.80 4.51
CA TYR C 155 0.40 16.62 5.86
C TYR C 155 0.29 15.17 6.28
N THR C 156 0.59 14.22 5.39
CA THR C 156 0.60 12.80 5.72
C THR C 156 1.98 12.20 5.48
N PHE C 157 3.01 12.95 5.86
CA PHE C 157 4.37 12.43 5.97
C PHE C 157 4.55 11.73 7.31
N THR C 161 9.80 9.75 12.49
CA THR C 161 11.17 10.11 12.20
C THR C 161 11.48 11.55 12.60
N LEU C 162 12.77 11.90 12.55
CA LEU C 162 13.24 13.27 12.75
C LEU C 162 13.64 13.93 11.44
N LYS C 163 14.27 13.18 10.54
CA LYS C 163 14.67 13.74 9.25
C LYS C 163 13.46 14.15 8.41
N SER C 164 12.30 13.51 8.64
CA SER C 164 11.10 13.91 7.94
C SER C 164 10.73 15.36 8.22
N LEU C 165 11.00 15.84 9.44
CA LEU C 165 10.68 17.22 9.77
C LEU C 165 11.38 18.19 8.82
N GLU C 166 12.60 17.86 8.39
CA GLU C 166 13.33 18.73 7.48
C GLU C 166 12.78 18.66 6.06
N GLU C 167 12.34 17.47 5.61
CA GLU C 167 11.62 17.40 4.36
C GLU C 167 10.39 18.32 4.38
N LYS C 168 9.59 18.25 5.44
CA LYS C 168 8.31 18.97 5.47
C LYS C 168 8.51 20.48 5.59
N ASP C 169 9.60 20.89 6.30
CA ASP C 169 10.02 22.30 6.38
C ASP C 169 10.59 22.83 5.04
N HIS C 170 11.23 21.97 4.25
CA HIS C 170 11.55 22.36 2.87
C HIS C 170 10.30 22.57 2.00
N ILE C 171 9.32 21.68 2.10
CA ILE C 171 8.11 21.81 1.29
C ILE C 171 7.39 23.08 1.63
N HIS C 172 7.23 23.33 2.92
CA HIS C 172 6.57 24.58 3.29
C HIS C 172 7.40 25.76 2.86
N ARG C 173 8.68 25.59 2.59
CA ARG C 173 9.41 26.84 2.23
C ARG C 173 9.21 27.09 0.80
N VAL C 174 9.07 25.99 0.00
CA VAL C 174 8.81 26.13 -1.40
C VAL C 174 7.40 26.61 -1.62
N LEU C 175 6.46 26.12 -0.81
CA LEU C 175 5.10 26.63 -0.90
C LEU C 175 5.08 28.13 -0.65
N ASP C 176 5.89 28.60 0.30
CA ASP C 176 5.98 30.04 0.56
C ASP C 176 6.48 30.78 -0.67
N LYS C 177 7.50 30.25 -1.34
CA LYS C 177 8.04 30.91 -2.51
C LYS C 177 7.00 30.98 -3.63
N ILE C 178 6.16 29.96 -3.76
CA ILE C 178 5.12 30.01 -4.78
C ILE C 178 4.04 31.01 -4.40
N THR C 179 3.75 31.15 -3.10
CA THR C 179 2.84 32.20 -2.66
C THR C 179 3.44 33.57 -2.95
N ASP C 180 4.72 33.76 -2.64
CA ASP C 180 5.41 35.01 -2.98
C ASP C 180 5.26 35.29 -4.47
N THR C 181 5.36 34.24 -5.29
CA THR C 181 5.26 34.40 -6.73
C THR C 181 3.85 34.82 -7.13
N LEU C 182 2.84 34.12 -6.61
CA LEU C 182 1.47 34.49 -6.90
C LEU C 182 1.24 35.97 -6.60
N ILE C 183 1.71 36.44 -5.43
CA ILE C 183 1.50 37.83 -5.05
C ILE C 183 2.23 38.76 -6.03
N HIS C 184 3.45 38.40 -6.41
CA HIS C 184 4.20 39.26 -7.32
C HIS C 184 3.48 39.40 -8.66
N LEU C 185 2.86 38.33 -9.14
CA LEU C 185 2.14 38.42 -10.41
C LEU C 185 0.94 39.36 -10.29
N MET C 186 0.26 39.33 -9.14
CA MET C 186 -0.92 40.17 -8.96
C MET C 186 -0.53 41.63 -8.81
N ALA C 187 0.59 41.91 -8.15
CA ALA C 187 1.04 43.29 -8.02
C ALA C 187 1.44 43.86 -9.38
N LYS C 188 2.26 43.11 -10.14
CA LYS C 188 2.63 43.53 -11.48
C LYS C 188 1.39 43.76 -12.34
N ALA C 189 0.32 42.99 -12.12
CA ALA C 189 -0.90 43.17 -12.89
C ALA C 189 -1.55 44.52 -12.60
N GLY C 190 -1.33 45.05 -11.41
CA GLY C 190 -1.91 46.30 -11.00
C GLY C 190 -2.94 46.20 -9.89
N LEU C 191 -3.00 45.09 -9.18
CA LEU C 191 -3.94 44.95 -8.08
C LEU C 191 -3.42 45.67 -6.84
N THR C 192 -4.32 46.33 -6.12
CA THR C 192 -3.97 46.89 -4.83
C THR C 192 -3.51 45.76 -3.90
N LEU C 193 -2.90 46.15 -2.78
CA LEU C 193 -2.59 45.17 -1.76
C LEU C 193 -3.86 44.46 -1.28
N GLN C 194 -4.96 45.21 -1.12
CA GLN C 194 -6.19 44.59 -0.66
C GLN C 194 -6.55 43.43 -1.57
N GLN C 195 -6.73 43.76 -2.85
CA GLN C 195 -7.16 42.83 -3.88
C GLN C 195 -6.20 41.67 -4.01
N GLN C 196 -4.92 41.91 -3.75
CA GLN C 196 -3.92 40.87 -3.87
C GLN C 196 -4.23 39.73 -2.90
N HIS C 197 -4.49 40.07 -1.64
CA HIS C 197 -4.74 39.05 -0.64
C HIS C 197 -6.09 38.39 -0.87
N GLN C 198 -7.08 39.16 -1.34
CA GLN C 198 -8.40 38.60 -1.58
C GLN C 198 -8.36 37.61 -2.75
N ARG C 199 -7.62 37.93 -3.81
CA ARG C 199 -7.51 37.03 -4.95
C ARG C 199 -6.66 35.82 -4.63
N LEU C 200 -5.54 36.02 -3.94
CA LEU C 200 -4.79 34.90 -3.40
C LEU C 200 -5.72 33.95 -2.63
N ALA C 201 -6.55 34.52 -1.76
CA ALA C 201 -7.42 33.68 -0.93
C ALA C 201 -8.45 32.95 -1.78
N GLN C 202 -9.07 33.62 -2.76
CA GLN C 202 -10.03 32.92 -3.58
C GLN C 202 -9.38 31.78 -4.36
N LEU C 203 -8.16 31.98 -4.85
CA LEU C 203 -7.50 30.93 -5.61
C LEU C 203 -7.16 29.73 -4.72
N LEU C 204 -6.77 29.98 -3.48
CA LEU C 204 -6.44 28.87 -2.58
C LEU C 204 -7.70 28.18 -2.08
N LEU C 205 -8.81 28.91 -1.92
CA LEU C 205 -10.05 28.28 -1.48
C LEU C 205 -10.62 27.36 -2.55
N ILE C 206 -10.40 27.68 -3.83
CA ILE C 206 -10.84 26.79 -4.91
C ILE C 206 -10.14 25.44 -4.80
N LEU C 207 -8.94 25.41 -4.24
CA LEU C 207 -8.20 24.16 -4.12
C LEU C 207 -8.93 23.16 -3.24
N SER C 208 -9.62 23.63 -2.20
CA SER C 208 -10.36 22.70 -1.34
C SER C 208 -11.46 22.00 -2.11
N HIS C 209 -12.11 22.72 -3.03
CA HIS C 209 -13.10 22.09 -3.88
C HIS C 209 -12.46 21.08 -4.83
N ILE C 210 -11.27 21.39 -5.35
CA ILE C 210 -10.61 20.44 -6.25
C ILE C 210 -10.23 19.18 -5.48
N ARG C 211 -9.76 19.33 -4.23
CA ARG C 211 -9.58 18.16 -3.38
C ARG C 211 -10.88 17.38 -3.23
N HIS C 212 -11.98 18.09 -2.96
CA HIS C 212 -13.28 17.43 -2.84
C HIS C 212 -13.62 16.64 -4.09
N MET C 213 -13.51 17.27 -5.26
CA MET C 213 -13.79 16.57 -6.50
C MET C 213 -12.93 15.32 -6.63
N SER C 214 -11.64 15.43 -6.31
CA SER C 214 -10.73 14.29 -6.43
C SER C 214 -11.18 13.13 -5.56
N ASN C 215 -11.59 13.42 -4.32
CA ASN C 215 -11.99 12.37 -3.41
C ASN C 215 -13.29 11.72 -3.86
N LYS C 216 -14.26 12.54 -4.27
CA LYS C 216 -15.51 11.98 -4.78
C LYS C 216 -15.23 11.15 -6.02
N GLY C 217 -14.40 11.70 -6.90
CA GLY C 217 -13.85 10.95 -7.98
C GLY C 217 -13.52 9.55 -7.52
N MET C 218 -12.66 9.31 -6.59
CA MET C 218 -12.22 7.96 -6.52
C MET C 218 -13.17 7.11 -5.77
N GLU C 219 -13.91 7.72 -4.89
CA GLU C 219 -14.99 7.03 -4.21
C GLU C 219 -15.93 6.38 -5.22
N HIS C 220 -16.44 7.18 -6.16
CA HIS C 220 -17.37 6.66 -7.15
C HIS C 220 -16.69 5.66 -8.06
N LEU C 221 -15.40 5.81 -8.27
CA LEU C 221 -14.68 4.77 -8.97
C LEU C 221 -14.76 3.47 -8.18
N TYR C 222 -14.57 3.56 -6.86
CA TYR C 222 -14.47 2.38 -5.99
C TYR C 222 -15.75 1.55 -5.98
N SER C 223 -16.89 2.13 -6.34
CA SER C 223 -18.14 1.39 -6.37
C SER C 223 -18.34 0.76 -7.74
N VAL C 229 -6.65 0.48 -11.95
CA VAL C 229 -6.77 1.66 -12.81
C VAL C 229 -6.21 2.88 -12.09
N VAL C 230 -5.91 2.75 -10.81
CA VAL C 230 -5.26 3.81 -10.03
C VAL C 230 -3.77 3.50 -9.98
N PRO C 231 -2.88 4.46 -10.26
CA PRO C 231 -1.45 4.15 -10.28
C PRO C 231 -0.96 3.66 -8.93
N SER C 232 -0.18 2.58 -8.97
CA SER C 232 0.42 2.04 -7.77
C SER C 232 1.57 2.91 -7.30
N TYR C 233 1.92 2.76 -6.04
CA TYR C 233 3.10 3.42 -5.55
C TYR C 233 4.29 3.07 -6.43
N ASP C 234 4.48 1.76 -6.67
CA ASP C 234 5.65 1.28 -7.40
C ASP C 234 5.68 1.84 -8.81
N LEU C 235 4.54 1.84 -9.49
CA LEU C 235 4.46 2.45 -10.81
C LEU C 235 5.05 3.86 -10.78
N LEU C 236 4.63 4.67 -9.81
CA LEU C 236 5.09 6.06 -9.77
C LEU C 236 6.59 6.13 -9.52
N LEU C 237 7.08 5.30 -8.58
CA LEU C 237 8.51 5.27 -8.31
C LEU C 237 9.28 4.88 -9.56
N GLU C 238 8.84 3.79 -10.19
CA GLU C 238 9.47 3.30 -11.42
C GLU C 238 9.55 4.42 -12.45
N MET C 239 8.41 5.01 -12.80
CA MET C 239 8.43 6.16 -13.70
C MET C 239 9.33 7.26 -13.18
N LEU C 240 9.41 7.40 -11.86
CA LEU C 240 10.19 8.47 -11.27
C LEU C 240 11.69 8.22 -11.39
N ASP C 241 12.14 6.98 -11.21
CA ASP C 241 13.56 6.69 -11.33
C ASP C 241 14.00 6.42 -12.76
N ALA C 242 13.07 6.40 -13.72
CA ALA C 242 13.45 6.23 -15.12
C ALA C 242 13.66 7.59 -15.77
N SER D 1 -25.98 44.45 3.40
CA SER D 1 -25.63 43.52 4.47
C SER D 1 -24.69 44.16 5.48
N LEU D 2 -25.07 44.10 6.77
CA LEU D 2 -24.24 44.68 7.81
C LEU D 2 -22.90 43.97 7.92
N ALA D 3 -22.84 42.70 7.52
CA ALA D 3 -21.58 41.97 7.56
C ALA D 3 -20.50 42.69 6.77
N LEU D 4 -20.85 43.22 5.59
CA LEU D 4 -19.87 43.83 4.71
C LEU D 4 -19.35 45.17 5.23
N SER D 5 -19.95 45.69 6.29
CA SER D 5 -19.52 46.96 6.88
C SER D 5 -18.66 46.79 8.12
N LEU D 6 -18.45 45.57 8.59
CA LEU D 6 -17.72 45.35 9.83
C LEU D 6 -16.23 45.61 9.63
N THR D 7 -15.59 46.14 10.67
CA THR D 7 -14.13 46.15 10.65
C THR D 7 -13.62 44.75 10.95
N ALA D 8 -12.31 44.57 10.79
CA ALA D 8 -11.69 43.31 11.21
C ALA D 8 -11.94 43.04 12.68
N ASP D 9 -11.81 44.07 13.52
CA ASP D 9 -11.98 43.88 14.96
C ASP D 9 -13.41 43.47 15.30
N GLN D 10 -14.40 44.14 14.71
CA GLN D 10 -15.79 43.78 14.97
C GLN D 10 -16.13 42.41 14.42
N MET D 11 -15.43 41.97 13.37
CA MET D 11 -15.68 40.65 12.82
C MET D 11 -15.16 39.58 13.77
N VAL D 12 -13.94 39.76 14.29
CA VAL D 12 -13.41 38.81 15.28
C VAL D 12 -14.28 38.80 16.51
N SER D 13 -14.62 39.99 17.01
CA SER D 13 -15.44 40.09 18.22
C SER D 13 -16.74 39.30 18.09
N ALA D 14 -17.40 39.40 16.93
CA ALA D 14 -18.65 38.67 16.75
C ALA D 14 -18.42 37.17 16.71
N LEU D 15 -17.32 36.75 16.07
CA LEU D 15 -17.01 35.33 15.98
C LEU D 15 -16.53 34.77 17.31
N LEU D 16 -15.68 35.49 18.03
CA LEU D 16 -15.30 35.04 19.36
C LEU D 16 -16.52 34.88 20.25
N ASP D 17 -17.45 35.83 20.18
CA ASP D 17 -18.65 35.77 21.00
C ASP D 17 -19.59 34.64 20.59
N ALA D 18 -19.50 34.16 19.36
CA ALA D 18 -20.36 33.08 18.88
C ALA D 18 -19.79 31.69 19.14
N GLU D 19 -18.62 31.59 19.72
CA GLU D 19 -17.96 30.30 19.89
C GLU D 19 -18.79 29.38 20.78
N PRO D 20 -19.18 28.20 20.32
CA PRO D 20 -19.88 27.28 21.21
C PRO D 20 -19.02 26.89 22.40
N PRO D 21 -19.62 26.34 23.44
CA PRO D 21 -18.81 25.85 24.56
C PRO D 21 -18.16 24.50 24.23
N ILE D 22 -17.18 24.14 25.05
CA ILE D 22 -16.55 22.83 24.95
C ILE D 22 -17.40 21.85 25.73
N LEU D 23 -18.09 20.96 25.01
CA LEU D 23 -18.98 20.01 25.67
C LEU D 23 -18.20 18.82 26.24
N TYR D 24 -18.89 18.06 27.08
CA TYR D 24 -18.33 16.89 27.74
C TYR D 24 -18.95 15.62 27.19
N SER D 25 -18.21 14.53 27.30
CA SER D 25 -18.73 13.21 26.95
C SER D 25 -19.53 12.63 28.11
N GLU D 26 -20.60 11.91 27.78
CA GLU D 26 -21.44 11.33 28.82
C GLU D 26 -20.64 10.41 29.74
N GLU D 35 -15.68 -1.02 19.89
CA GLU D 35 -16.07 -0.47 18.60
C GLU D 35 -17.40 0.28 18.71
N ALA D 36 -18.42 -0.38 19.27
CA ALA D 36 -19.70 0.29 19.48
C ALA D 36 -19.72 1.11 20.75
N SER D 37 -18.79 0.87 21.68
CA SER D 37 -18.64 1.75 22.83
C SER D 37 -18.11 3.10 22.40
N MET D 38 -17.06 3.09 21.59
CA MET D 38 -16.42 4.36 21.29
C MET D 38 -17.28 5.15 20.30
N MET D 39 -17.88 4.47 19.31
CA MET D 39 -18.77 5.17 18.38
C MET D 39 -19.97 5.76 19.11
N GLY D 40 -20.53 5.01 20.06
CA GLY D 40 -21.66 5.53 20.82
C GLY D 40 -21.33 6.84 21.52
N LEU D 41 -20.17 6.92 22.16
CA LEU D 41 -19.82 8.17 22.81
C LEU D 41 -19.58 9.29 21.82
N LEU D 42 -18.83 9.01 20.75
CA LEU D 42 -18.57 10.05 19.77
C LEU D 42 -19.86 10.51 19.13
N THR D 43 -20.76 9.57 18.82
CA THR D 43 -22.04 9.94 18.24
C THR D 43 -22.83 10.83 19.19
N ASN D 44 -22.88 10.46 20.48
CA ASN D 44 -23.60 11.28 21.44
C ASN D 44 -22.98 12.67 21.56
N LEU D 45 -21.64 12.74 21.58
CA LEU D 45 -20.98 14.04 21.65
C LEU D 45 -21.27 14.86 20.39
N ALA D 46 -21.06 14.26 19.22
CA ALA D 46 -21.28 14.99 17.98
C ALA D 46 -22.73 15.38 17.81
N ASP D 47 -23.66 14.56 18.31
CA ASP D 47 -25.08 14.93 18.25
C ASP D 47 -25.32 16.23 19.01
N ARG D 48 -24.68 16.39 20.16
CA ARG D 48 -24.87 17.60 20.97
C ARG D 48 -24.09 18.77 20.41
N GLU D 49 -22.99 18.52 19.69
CA GLU D 49 -22.25 19.60 19.07
C GLU D 49 -22.99 20.19 17.89
N LEU D 50 -23.74 19.36 17.15
CA LEU D 50 -24.47 19.84 15.98
C LEU D 50 -25.50 20.89 16.37
N VAL D 51 -26.18 20.69 17.49
CA VAL D 51 -27.19 21.66 17.92
C VAL D 51 -26.53 23.01 18.18
N HIS D 52 -25.35 23.00 18.81
CA HIS D 52 -24.61 24.24 19.03
C HIS D 52 -24.07 24.80 17.73
N MET D 53 -23.75 23.94 16.76
CA MET D 53 -23.20 24.41 15.49
C MET D 53 -24.24 25.20 14.67
N ILE D 54 -25.49 24.74 14.62
CA ILE D 54 -26.51 25.49 13.88
C ILE D 54 -26.62 26.92 14.43
N ASN D 55 -26.83 27.03 15.75
CA ASN D 55 -26.86 28.32 16.43
C ASN D 55 -25.54 29.06 16.35
N TRP D 56 -24.41 28.37 16.27
CA TRP D 56 -23.20 29.11 15.96
C TRP D 56 -23.25 29.64 14.53
N ALA D 57 -23.61 28.77 13.58
CA ALA D 57 -23.61 29.15 12.17
C ALA D 57 -24.44 30.40 11.93
N LYS D 58 -25.58 30.50 12.60
CA LYS D 58 -26.48 31.60 12.33
C LYS D 58 -25.96 32.93 12.87
N ARG D 59 -24.93 32.91 13.71
CA ARG D 59 -24.32 34.12 14.25
C ARG D 59 -23.04 34.50 13.50
N VAL D 60 -22.67 33.76 12.46
CA VAL D 60 -21.57 34.14 11.58
C VAL D 60 -22.07 35.29 10.70
N PRO D 61 -21.42 36.45 10.69
CA PRO D 61 -21.98 37.58 9.93
C PRO D 61 -22.14 37.22 8.46
N GLY D 62 -23.34 37.51 7.93
CA GLY D 62 -23.68 37.25 6.55
C GLY D 62 -24.46 35.97 6.33
N PHE D 63 -24.34 35.00 7.23
CA PHE D 63 -24.92 33.68 6.99
C PHE D 63 -26.45 33.75 6.95
N VAL D 64 -27.05 34.55 7.83
CA VAL D 64 -28.52 34.61 7.83
C VAL D 64 -29.06 35.40 6.65
N ASP D 65 -28.22 36.20 5.98
CA ASP D 65 -28.70 36.90 4.79
C ASP D 65 -29.00 35.94 3.65
N LEU D 66 -28.62 34.67 3.76
CA LEU D 66 -28.90 33.68 2.74
C LEU D 66 -30.28 33.07 2.95
N THR D 67 -30.81 32.48 1.88
CA THR D 67 -32.05 31.71 2.00
C THR D 67 -31.83 30.50 2.89
N SER D 68 -32.91 30.01 3.50
CA SER D 68 -32.83 28.84 4.35
C SER D 68 -32.26 27.65 3.58
N HIS D 69 -32.66 27.48 2.33
CA HIS D 69 -32.15 26.38 1.53
C HIS D 69 -30.64 26.47 1.38
N ASP D 70 -30.11 27.68 1.15
CA ASP D 70 -28.67 27.81 0.97
C ASP D 70 -27.92 27.62 2.28
N GLN D 71 -28.55 28.00 3.40
CA GLN D 71 -27.92 27.77 4.70
C GLN D 71 -27.77 26.28 4.96
N VAL D 72 -28.77 25.49 4.57
CA VAL D 72 -28.70 24.06 4.82
C VAL D 72 -27.67 23.40 3.92
N HIS D 73 -27.53 23.88 2.69
CA HIS D 73 -26.53 23.30 1.79
C HIS D 73 -25.13 23.54 2.33
N LEU D 74 -24.85 24.78 2.78
CA LEU D 74 -23.56 25.08 3.36
C LEU D 74 -23.29 24.18 4.57
N LEU D 75 -24.29 24.02 5.44
CA LEU D 75 -24.11 23.20 6.63
C LEU D 75 -23.97 21.73 6.28
N GLU D 76 -24.77 21.25 5.33
CA GLU D 76 -24.66 19.86 4.92
C GLU D 76 -23.27 19.54 4.41
N CYS D 77 -22.61 20.53 3.80
CA CYS D 77 -21.28 20.30 3.22
C CYS D 77 -20.15 20.47 4.23
N ALA D 78 -20.37 21.27 5.27
CA ALA D 78 -19.29 21.68 6.16
C ALA D 78 -19.29 21.01 7.52
N TRP D 79 -20.35 20.31 7.90
CA TRP D 79 -20.54 19.96 9.31
C TRP D 79 -19.37 19.12 9.85
N LEU D 80 -18.93 18.11 9.11
CA LEU D 80 -17.87 17.26 9.67
C LEU D 80 -16.53 17.99 9.67
N GLU D 81 -16.24 18.79 8.65
CA GLU D 81 -15.03 19.60 8.68
C GLU D 81 -15.01 20.52 9.90
N ILE D 82 -16.15 21.10 10.25
CA ILE D 82 -16.20 22.01 11.40
C ILE D 82 -15.98 21.25 12.70
N LEU D 83 -16.63 20.10 12.85
CA LEU D 83 -16.36 19.25 14.01
C LEU D 83 -14.88 18.94 14.11
N MET D 84 -14.26 18.60 12.98
CA MET D 84 -12.87 18.18 13.00
C MET D 84 -11.94 19.33 13.34
N ILE D 85 -12.17 20.52 12.78
CA ILE D 85 -11.26 21.62 13.08
C ILE D 85 -11.45 22.06 14.52
N GLY D 86 -12.65 21.88 15.07
CA GLY D 86 -12.81 22.11 16.48
C GLY D 86 -12.00 21.14 17.31
N LEU D 87 -12.03 19.86 16.93
CA LEU D 87 -11.25 18.85 17.64
C LEU D 87 -9.77 19.18 17.58
N VAL D 88 -9.26 19.43 16.38
CA VAL D 88 -7.84 19.76 16.20
C VAL D 88 -7.45 20.95 17.07
N TRP D 89 -8.33 21.94 17.19
CA TRP D 89 -8.02 23.12 18.00
C TRP D 89 -8.00 22.79 19.49
N ARG D 90 -8.84 21.86 19.94
CA ARG D 90 -8.82 21.46 21.34
C ARG D 90 -7.62 20.61 21.67
N SER D 91 -7.07 19.89 20.70
CA SER D 91 -6.02 18.91 20.91
C SER D 91 -4.63 19.49 20.72
N MET D 92 -4.53 20.79 20.46
CA MET D 92 -3.27 21.38 20.06
C MET D 92 -2.25 21.35 21.17
N GLU D 93 -2.70 21.56 22.41
CA GLU D 93 -1.82 21.55 23.57
C GLU D 93 -1.68 20.15 24.18
N HIS D 94 -1.98 19.10 23.41
CA HIS D 94 -1.86 17.72 23.89
C HIS D 94 -1.23 16.88 22.79
N PRO D 95 0.07 17.07 22.55
CA PRO D 95 0.71 16.36 21.44
C PRO D 95 0.62 14.86 21.62
N GLY D 96 0.29 14.18 20.52
CA GLY D 96 0.09 12.74 20.53
C GLY D 96 -1.33 12.34 20.88
N LYS D 97 -2.21 13.27 21.24
CA LYS D 97 -3.51 12.89 21.78
C LYS D 97 -4.59 13.79 21.18
N LEU D 98 -5.77 13.24 21.08
CA LEU D 98 -6.93 13.91 20.53
C LEU D 98 -7.95 14.13 21.66
N LEU D 99 -8.32 15.39 21.89
CA LEU D 99 -9.15 15.75 23.04
C LEU D 99 -10.57 15.96 22.53
N PHE D 100 -11.27 14.82 22.33
CA PHE D 100 -12.66 14.89 21.89
C PHE D 100 -13.49 15.64 22.92
N ALA D 101 -13.18 15.47 24.20
CA ALA D 101 -13.81 16.22 25.27
C ALA D 101 -12.83 16.29 26.43
N PRO D 102 -13.02 17.22 27.36
CA PRO D 102 -12.08 17.32 28.50
C PRO D 102 -11.96 16.04 29.30
N ASN D 103 -12.93 15.15 29.21
CA ASN D 103 -12.86 13.84 29.85
C ASN D 103 -12.91 12.73 28.81
N LEU D 104 -12.36 12.98 27.64
CA LEU D 104 -12.24 11.95 26.61
C LEU D 104 -11.04 12.30 25.73
N LEU D 105 -9.84 12.00 26.24
CA LEU D 105 -8.57 12.37 25.61
C LEU D 105 -7.89 11.08 25.15
N LEU D 106 -7.86 10.84 23.84
CA LEU D 106 -7.41 9.57 23.30
C LEU D 106 -6.07 9.69 22.60
N ASP D 107 -5.37 8.57 22.60
CA ASP D 107 -4.00 8.41 22.15
C ASP D 107 -4.01 7.51 20.92
N ARG D 108 -2.96 7.65 20.13
CA ARG D 108 -2.92 7.07 18.78
C ARG D 108 -3.61 5.72 18.74
N ASN D 109 -3.45 4.95 19.80
CA ASN D 109 -3.95 3.59 19.88
C ASN D 109 -5.44 3.50 20.24
N GLN D 110 -6.14 4.64 20.30
CA GLN D 110 -7.57 4.76 20.52
C GLN D 110 -7.93 4.75 22.00
N GLY D 111 -6.95 4.68 22.91
CA GLY D 111 -7.23 4.71 24.33
C GLY D 111 -7.14 6.10 24.92
N MET D 117 -10.18 4.05 10.78
CA MET D 117 -10.33 4.74 12.06
C MET D 117 -8.98 5.26 12.55
N VAL D 118 -7.93 4.45 12.40
CA VAL D 118 -6.59 4.93 12.76
C VAL D 118 -5.98 5.76 11.64
N GLU D 119 -6.52 5.67 10.42
CA GLU D 119 -6.08 6.54 9.34
C GLU D 119 -6.40 7.99 9.65
N ILE D 120 -7.62 8.24 10.12
CA ILE D 120 -8.10 9.59 10.30
C ILE D 120 -7.43 10.23 11.50
N PHE D 121 -7.28 9.46 12.58
CA PHE D 121 -6.64 9.96 13.79
C PHE D 121 -5.24 10.47 13.50
N ASP D 122 -4.48 9.75 12.67
CA ASP D 122 -3.14 10.20 12.34
C ASP D 122 -3.17 11.49 11.56
N MET D 123 -4.09 11.61 10.60
CA MET D 123 -4.25 12.88 9.89
C MET D 123 -4.64 13.99 10.84
N LEU D 124 -5.56 13.70 11.77
CA LEU D 124 -5.99 14.73 12.72
C LEU D 124 -4.81 15.19 13.57
N LEU D 125 -4.04 14.25 14.09
CA LEU D 125 -2.85 14.61 14.86
C LEU D 125 -1.90 15.47 14.03
N ALA D 126 -1.69 15.12 12.77
CA ALA D 126 -0.82 15.92 11.91
C ALA D 126 -1.34 17.35 11.82
N THR D 127 -2.65 17.51 11.73
CA THR D 127 -3.21 18.85 11.65
C THR D 127 -2.99 19.61 12.94
N SER D 128 -3.21 18.95 14.08
CA SER D 128 -2.91 19.56 15.37
C SER D 128 -1.45 19.99 15.45
N SER D 129 -0.52 19.13 15.00
CA SER D 129 0.89 19.48 15.04
C SER D 129 1.18 20.70 14.18
N ARG D 130 0.54 20.78 13.01
CA ARG D 130 0.76 21.93 12.13
C ARG D 130 0.26 23.21 12.80
N PHE D 131 -0.90 23.18 13.45
CA PHE D 131 -1.40 24.38 14.11
C PHE D 131 -0.50 24.79 15.27
N ARG D 132 -0.01 23.82 16.04
CA ARG D 132 0.94 24.11 17.11
C ARG D 132 2.20 24.76 16.56
N MET D 133 2.88 24.06 15.65
CA MET D 133 3.95 24.62 14.84
C MET D 133 3.77 26.09 14.50
N MET D 134 2.65 26.44 13.90
CA MET D 134 2.47 27.82 13.44
C MET D 134 1.99 28.77 14.52
N ASN D 135 1.78 28.29 15.74
CA ASN D 135 1.25 29.12 16.82
C ASN D 135 -0.11 29.70 16.44
N LEU D 136 -0.98 28.86 15.86
CA LEU D 136 -2.30 29.34 15.48
C LEU D 136 -2.99 29.98 16.68
N GLN D 137 -3.59 31.15 16.45
CA GLN D 137 -4.26 31.89 17.50
C GLN D 137 -5.77 31.71 17.40
N GLY D 138 -6.44 31.97 18.54
CA GLY D 138 -7.88 31.74 18.61
C GLY D 138 -8.65 32.65 17.67
N GLU D 139 -8.24 33.91 17.59
CA GLU D 139 -8.85 34.82 16.62
C GLU D 139 -8.71 34.27 15.20
N GLU D 140 -7.56 33.68 14.88
CA GLU D 140 -7.40 33.05 13.57
C GLU D 140 -8.28 31.82 13.44
N PHE D 141 -8.39 31.04 14.51
CA PHE D 141 -9.18 29.82 14.45
C PHE D 141 -10.63 30.12 14.09
N VAL D 142 -11.26 31.04 14.83
CA VAL D 142 -12.65 31.36 14.53
C VAL D 142 -12.80 31.86 13.10
N CYS D 143 -11.80 32.54 12.56
CA CYS D 143 -11.89 32.99 11.18
C CYS D 143 -11.89 31.81 10.22
N LEU D 144 -11.02 30.82 10.46
CA LEU D 144 -10.93 29.69 9.55
C LEU D 144 -12.18 28.84 9.59
N LYS D 145 -12.80 28.72 10.76
CA LYS D 145 -14.00 27.89 10.90
C LYS D 145 -15.18 28.52 10.20
N SER D 146 -15.25 29.86 10.18
CA SER D 146 -16.25 30.55 9.38
C SER D 146 -15.98 30.38 7.89
N ILE D 147 -14.71 30.39 7.49
CA ILE D 147 -14.35 30.19 6.09
C ILE D 147 -14.83 28.84 5.60
N ILE D 148 -14.63 27.80 6.40
CA ILE D 148 -15.07 26.46 6.05
C ILE D 148 -16.57 26.45 5.79
N LEU D 149 -17.33 27.05 6.71
CA LEU D 149 -18.78 27.03 6.61
C LEU D 149 -19.25 27.66 5.31
N LEU D 150 -18.69 28.82 4.95
CA LEU D 150 -19.13 29.53 3.75
C LEU D 150 -18.53 28.94 2.48
N ASN D 151 -17.29 28.46 2.55
CA ASN D 151 -16.61 28.03 1.33
C ASN D 151 -16.99 26.64 0.89
N SER D 152 -17.23 25.73 1.84
CA SER D 152 -17.21 24.31 1.48
C SER D 152 -18.33 23.96 0.51
N GLY D 153 -19.50 24.58 0.66
CA GLY D 153 -20.63 24.28 -0.19
C GLY D 153 -20.87 25.23 -1.33
N VAL D 154 -20.09 26.31 -1.46
CA VAL D 154 -20.46 27.38 -2.37
C VAL D 154 -20.29 27.01 -3.83
N TYR D 155 -19.49 25.99 -4.13
CA TYR D 155 -19.32 25.55 -5.52
C TYR D 155 -20.29 24.45 -5.92
N THR D 156 -21.18 24.00 -5.02
CA THR D 156 -22.19 22.99 -5.34
C THR D 156 -23.63 23.50 -5.17
N PHE D 157 -23.86 24.80 -5.29
CA PHE D 157 -25.22 25.31 -5.35
C PHE D 157 -25.87 24.86 -6.67
N LEU D 158 -27.01 24.18 -6.57
CA LEU D 158 -27.57 23.49 -7.73
C LEU D 158 -28.08 24.46 -8.79
N SER D 159 -28.56 25.62 -8.37
CA SER D 159 -29.42 26.46 -9.19
C SER D 159 -28.63 27.31 -10.19
N SER D 160 -29.35 27.77 -11.21
CA SER D 160 -28.86 28.74 -12.17
C SER D 160 -29.55 30.09 -12.04
N THR D 161 -30.51 30.22 -11.13
CA THR D 161 -31.35 31.40 -11.03
C THR D 161 -30.54 32.64 -10.66
N LEU D 162 -31.20 33.79 -10.77
CA LEU D 162 -30.55 35.04 -10.42
C LEU D 162 -30.25 35.08 -8.91
N LYS D 163 -31.23 34.66 -8.09
CA LYS D 163 -31.02 34.61 -6.65
C LYS D 163 -29.81 33.77 -6.29
N SER D 164 -29.67 32.60 -6.93
CA SER D 164 -28.51 31.75 -6.66
C SER D 164 -27.21 32.47 -6.99
N LEU D 165 -27.19 33.22 -8.10
CA LEU D 165 -26.00 34.02 -8.41
C LEU D 165 -25.82 35.13 -7.39
N GLU D 166 -26.92 35.71 -6.90
CA GLU D 166 -26.79 36.70 -5.84
C GLU D 166 -26.26 36.06 -4.56
N GLU D 167 -26.70 34.84 -4.24
CA GLU D 167 -26.25 34.20 -2.99
C GLU D 167 -24.74 33.92 -3.01
N LYS D 168 -24.27 33.20 -4.04
CA LYS D 168 -22.83 33.00 -4.27
C LYS D 168 -22.02 34.33 -4.26
N ASP D 169 -22.45 35.44 -4.93
CA ASP D 169 -21.66 36.68 -4.83
C ASP D 169 -21.60 37.16 -3.40
N HIS D 170 -22.70 37.06 -2.66
CA HIS D 170 -22.70 37.50 -1.26
C HIS D 170 -21.71 36.67 -0.44
N ILE D 171 -21.71 35.35 -0.62
CA ILE D 171 -20.80 34.51 0.13
C ILE D 171 -19.34 34.90 -0.16
N HIS D 172 -19.01 35.13 -1.42
CA HIS D 172 -17.63 35.48 -1.75
C HIS D 172 -17.25 36.85 -1.21
N ARG D 173 -18.21 37.77 -1.08
CA ARG D 173 -17.91 39.04 -0.46
C ARG D 173 -17.66 38.88 1.03
N VAL D 174 -18.47 38.06 1.72
CA VAL D 174 -18.20 37.80 3.13
C VAL D 174 -16.86 37.11 3.27
N LEU D 175 -16.56 36.16 2.38
CA LEU D 175 -15.28 35.46 2.43
C LEU D 175 -14.13 36.44 2.24
N ASP D 176 -14.31 37.44 1.39
CA ASP D 176 -13.30 38.47 1.24
C ASP D 176 -13.12 39.26 2.53
N LYS D 177 -14.23 39.52 3.21
CA LYS D 177 -14.21 40.32 4.43
C LYS D 177 -13.44 39.60 5.53
N ILE D 178 -13.53 38.27 5.56
CA ILE D 178 -12.76 37.49 6.52
C ILE D 178 -11.30 37.40 6.13
N THR D 179 -11.00 37.36 4.83
CA THR D 179 -9.61 37.46 4.41
C THR D 179 -8.98 38.75 4.92
N ASP D 180 -9.65 39.89 4.71
CA ASP D 180 -9.13 41.14 5.25
C ASP D 180 -8.98 41.06 6.75
N THR D 181 -9.97 40.47 7.44
CA THR D 181 -9.88 40.27 8.88
C THR D 181 -8.61 39.51 9.23
N LEU D 182 -8.40 38.36 8.60
CA LEU D 182 -7.20 37.59 8.90
C LEU D 182 -5.94 38.42 8.71
N ILE D 183 -5.92 39.23 7.65
CA ILE D 183 -4.74 40.02 7.34
C ILE D 183 -4.55 41.12 8.38
N HIS D 184 -5.64 41.75 8.82
CA HIS D 184 -5.51 42.78 9.84
C HIS D 184 -4.98 42.21 11.14
N LEU D 185 -5.48 41.04 11.54
CA LEU D 185 -4.97 40.41 12.76
C LEU D 185 -3.47 40.17 12.66
N MET D 186 -3.01 39.71 11.51
CA MET D 186 -1.57 39.50 11.32
C MET D 186 -0.82 40.82 11.33
N ALA D 187 -1.33 41.82 10.61
CA ALA D 187 -0.65 43.11 10.59
C ALA D 187 -0.53 43.68 11.99
N LYS D 188 -1.57 43.53 12.80
CA LYS D 188 -1.52 44.02 14.18
C LYS D 188 -0.50 43.25 15.00
N ALA D 189 -0.35 41.96 14.72
CA ALA D 189 0.61 41.15 15.48
C ALA D 189 2.05 41.43 15.10
N GLY D 190 2.29 42.37 14.20
CA GLY D 190 3.64 42.75 13.82
C GLY D 190 4.19 42.07 12.59
N LEU D 191 3.45 41.15 11.98
CA LEU D 191 3.97 40.47 10.80
C LEU D 191 4.18 41.46 9.66
N THR D 192 5.24 41.26 8.89
CA THR D 192 5.49 42.04 7.69
C THR D 192 4.49 41.66 6.60
N LEU D 193 4.35 42.55 5.60
CA LEU D 193 3.54 42.23 4.43
C LEU D 193 3.85 40.85 3.86
N GLN D 194 5.12 40.56 3.57
CA GLN D 194 5.38 39.23 3.04
C GLN D 194 4.97 38.14 4.02
N GLN D 195 5.18 38.39 5.32
CA GLN D 195 4.76 37.40 6.31
C GLN D 195 3.25 37.23 6.33
N GLN D 196 2.52 38.33 6.12
CA GLN D 196 1.06 38.26 6.18
C GLN D 196 0.49 37.35 5.11
N HIS D 197 0.89 37.55 3.85
CA HIS D 197 0.29 36.73 2.82
C HIS D 197 0.82 35.30 2.83
N GLN D 198 2.02 35.07 3.37
CA GLN D 198 2.51 33.69 3.49
C GLN D 198 1.74 32.93 4.55
N ARG D 199 1.50 33.54 5.71
CA ARG D 199 0.72 32.87 6.75
C ARG D 199 -0.73 32.70 6.33
N LEU D 200 -1.29 33.69 5.64
CA LEU D 200 -2.64 33.52 5.08
C LEU D 200 -2.69 32.29 4.19
N ALA D 201 -1.70 32.15 3.30
CA ALA D 201 -1.68 31.02 2.39
C ALA D 201 -1.51 29.70 3.14
N GLN D 202 -0.70 29.70 4.19
CA GLN D 202 -0.51 28.46 4.95
C GLN D 202 -1.80 28.06 5.67
N LEU D 203 -2.55 29.03 6.17
CA LEU D 203 -3.79 28.69 6.86
C LEU D 203 -4.82 28.14 5.89
N LEU D 204 -4.93 28.73 4.71
CA LEU D 204 -5.95 28.31 3.77
C LEU D 204 -5.59 26.98 3.11
N LEU D 205 -4.29 26.70 2.95
CA LEU D 205 -3.90 25.41 2.40
C LEU D 205 -4.20 24.27 3.37
N ILE D 206 -4.24 24.54 4.68
CA ILE D 206 -4.60 23.50 5.62
C ILE D 206 -6.06 23.10 5.44
N LEU D 207 -6.91 24.02 4.97
CA LEU D 207 -8.32 23.71 4.79
C LEU D 207 -8.52 22.65 3.72
N SER D 208 -7.68 22.70 2.67
CA SER D 208 -7.49 21.57 1.76
C SER D 208 -7.43 20.23 2.52
N HIS D 209 -6.52 20.13 3.50
CA HIS D 209 -6.35 18.86 4.20
C HIS D 209 -7.55 18.53 5.07
N ILE D 210 -8.21 19.55 5.62
CA ILE D 210 -9.39 19.30 6.44
C ILE D 210 -10.54 18.76 5.57
N ARG D 211 -10.67 19.28 4.36
CA ARG D 211 -11.65 18.74 3.42
C ARG D 211 -11.37 17.27 3.15
N HIS D 212 -10.09 16.94 2.98
CA HIS D 212 -9.69 15.56 2.70
C HIS D 212 -10.01 14.64 3.87
N MET D 213 -9.72 15.08 5.09
CA MET D 213 -10.01 14.26 6.25
C MET D 213 -11.52 14.04 6.40
N SER D 214 -12.30 15.10 6.22
CA SER D 214 -13.75 14.96 6.24
C SER D 214 -14.23 13.95 5.19
N ASN D 215 -13.64 14.02 3.99
CA ASN D 215 -14.01 13.07 2.94
C ASN D 215 -13.68 11.65 3.37
N LYS D 216 -12.47 11.42 3.89
CA LYS D 216 -12.10 10.07 4.32
C LYS D 216 -13.02 9.60 5.45
N GLY D 217 -13.15 10.42 6.49
CA GLY D 217 -14.05 10.06 7.58
C GLY D 217 -15.43 9.66 7.09
N MET D 218 -15.93 10.38 6.09
CA MET D 218 -17.25 10.08 5.57
C MET D 218 -17.32 8.70 4.93
N GLU D 219 -16.30 8.32 4.14
CA GLU D 219 -16.43 7.05 3.42
C GLU D 219 -16.33 5.87 4.38
N HIS D 220 -15.42 5.98 5.35
CA HIS D 220 -15.28 4.99 6.42
C HIS D 220 -16.60 4.75 7.15
N LEU D 221 -17.31 5.82 7.47
CA LEU D 221 -18.70 5.64 7.86
C LEU D 221 -19.50 5.03 6.72
N TYR D 222 -19.36 5.59 5.51
CA TYR D 222 -20.05 5.10 4.33
C TYR D 222 -21.48 5.63 4.28
N ASN D 228 -24.95 5.76 8.65
CA ASN D 228 -25.90 6.78 8.24
C ASN D 228 -26.29 7.68 9.41
N VAL D 229 -25.27 8.14 10.15
CA VAL D 229 -25.46 9.09 11.24
C VAL D 229 -25.22 10.53 10.78
N VAL D 230 -24.92 10.72 9.50
CA VAL D 230 -24.83 12.00 8.81
C VAL D 230 -26.19 12.70 8.82
N PRO D 231 -26.26 13.99 9.16
CA PRO D 231 -27.56 14.68 9.14
C PRO D 231 -27.99 15.02 7.73
N SER D 232 -29.28 14.82 7.46
CA SER D 232 -29.82 14.98 6.12
C SER D 232 -30.26 16.43 5.88
N TYR D 233 -30.66 16.71 4.64
CA TYR D 233 -31.13 18.06 4.25
C TYR D 233 -32.37 18.61 4.99
N ASP D 234 -33.61 17.99 4.83
CA ASP D 234 -34.54 17.69 6.03
C ASP D 234 -34.02 17.98 7.48
N LEU D 235 -33.19 17.14 8.12
CA LEU D 235 -32.95 17.37 9.53
C LEU D 235 -32.31 18.72 9.76
N LEU D 236 -31.38 19.12 8.88
CA LEU D 236 -30.73 20.42 9.05
C LEU D 236 -31.72 21.55 8.87
N LEU D 237 -32.55 21.46 7.82
CA LEU D 237 -33.53 22.50 7.55
C LEU D 237 -34.50 22.66 8.71
N GLU D 238 -34.88 21.55 9.34
CA GLU D 238 -35.72 21.63 10.51
C GLU D 238 -35.00 22.26 11.69
N MET D 239 -33.78 21.78 11.97
CA MET D 239 -33.01 22.37 13.07
C MET D 239 -32.80 23.86 12.85
N LEU D 240 -32.84 24.29 11.60
CA LEU D 240 -32.59 25.68 11.23
C LEU D 240 -33.84 26.53 11.31
N ASP D 241 -35.02 25.94 11.12
CA ASP D 241 -36.28 26.63 11.32
C ASP D 241 -36.60 26.68 12.81
N1 A1AHO E . 0.39 -16.33 15.84
C4 A1AHO E . 4.95 -14.79 16.87
C5 A1AHO E . 6.37 -14.49 17.06
C6 A1AHO E . 6.81 -13.38 17.78
C7 A1AHO E . 8.17 -13.15 17.95
C8 A1AHO E . 9.09 -14.03 17.40
C10 A1AHO E . 7.31 -15.37 16.51
C13 A1AHO E . 4.13 -11.84 15.66
C15 A1AHO E . 2.89 -9.90 16.36
C17 A1AHO E . 2.57 -11.98 17.51
C1 A1AHO E . 2.70 -15.23 15.05
C11 A1AHO E . 3.81 -14.04 16.86
C12 A1AHO E . 3.52 -12.59 16.68
C14 A1AHO E . 3.82 -10.49 15.51
C16 A1AHO E . 2.26 -10.64 17.36
C18 A1AHO E . 2.70 -15.03 16.58
C2 A1AHO E . 4.09 -15.82 14.83
C3 A1AHO E . 4.51 -16.13 16.28
C9 A1AHO E . 8.68 -15.15 16.68
O1 A1AHO E . 0.57 -15.98 13.38
O2 A1AHO E . 10.43 -13.77 17.57
O3 A1AHO E . 2.58 -8.58 16.20
O4 A1AHO E . 3.26 -16.26 16.92
O6 A1AHO E . 2.04 -17.83 14.48
S1 A1AHO E . 1.45 -16.49 14.43
H6 A1AHO E . 6.10 -12.68 18.22
H7 A1AHO E . 8.50 -12.28 18.50
H10 A1AHO E . 6.97 -16.23 15.95
H11 A1AHO E . 4.85 -12.30 14.99
H15 A1AHO E . 2.07 -12.56 18.28
H1 A1AHO E . 2.45 -14.28 14.57
H12 A1AHO E . 4.29 -9.91 14.73
H14 A1AHO E . 1.54 -10.18 18.02
H3 A1AHO E . 1.75 -14.89 17.10
H5 A1AHO E . 4.79 -15.11 14.37
H4 A1AHO E . 4.09 -16.73 14.22
H2 A1AHO E . 5.10 -17.03 16.44
H9 A1AHO E . 9.39 -15.84 16.26
H8 A1AHO E . 10.65 -13.51 18.46
H13 A1AHO E . 3.33 -8.00 16.33
N1 A1AHO F . -6.14 -16.88 -9.83
C4 A1AHO F . -5.77 -21.58 -11.42
C5 A1AHO F . -5.34 -22.71 -12.28
C6 A1AHO F . -6.25 -23.64 -12.82
C7 A1AHO F . -5.77 -24.66 -13.64
C8 A1AHO F . -4.40 -24.76 -13.90
C10 A1AHO F . -3.98 -22.82 -12.56
C13 A1AHO F . -7.99 -23.21 -9.99
C15 A1AHO F . -10.35 -23.45 -9.96
C17 A1AHO F . -9.42 -21.50 -10.96
C20 A1AHO F . -4.99 -15.48 -11.67
C21 A1AHO F . -4.92 -15.94 -13.11
C22 A1AHO F . -3.79 -15.15 -12.51
C24 A1AHO F . -7.96 -15.57 -9.01
C26 A1AHO F . -9.72 -14.77 -10.45
C28 A1AHO F . -9.09 -15.40 -11.55
C1 A1AHO F . -6.26 -19.76 -9.18
C11 A1AHO F . -6.99 -21.18 -11.02
C12 A1AHO F . -8.15 -21.98 -10.64
C14 A1AHO F . -9.10 -23.95 -9.64
C16 A1AHO F . -10.54 -22.24 -10.61
C18 A1AHO F . -6.81 -19.73 -10.60
C19 A1AHO F . -4.92 -16.60 -10.62
C2 A1AHO F . -4.92 -20.47 -9.39
C23 A1AHO F . -7.34 -16.20 -10.10
C25 A1AHO F . -9.14 -14.87 -9.20
C27 A1AHO F . -11.60 -13.93 -11.67
C29 A1AHO F . -7.91 -16.13 -11.37
C3 A1AHO F . -4.83 -20.49 -10.93
C9 A1AHO F . -3.51 -23.84 -13.37
O1 A1AHO F . -4.71 -17.93 -7.88
O2 A1AHO F . -3.92 -25.76 -14.69
O3 A1AHO F . -11.46 -24.16 -9.66
O4 A1AHO F . -5.62 -19.38 -11.26
O5 A1AHO F . -10.89 -14.04 -10.46
O6 A1AHO F . -7.24 -17.83 -7.61
S1 A1AHO F . -6.06 -18.02 -8.46
H6 A1AHO F . -7.30 -23.57 -12.62
H7 A1AHO F . -6.46 -25.38 -14.06
H10 A1AHO F . -3.28 -22.11 -12.16
H11 A1AHO F . -7.01 -23.57 -9.74
H15 A1AHO F . -9.56 -20.55 -11.46
H18 A1AHO F . -5.60 -14.63 -11.37
H20 A1AHO F . -4.76 -17.00 -13.31
H19 A1AHO F . -5.55 -15.46 -13.86
H22 A1AHO F . -3.63 -14.12 -12.83
H21 A1AHO F . -2.84 -15.66 -12.29
H23 A1AHO F . -7.52 -15.63 -8.03
H28 A1AHO F . -9.52 -15.35 -12.55
H1 A1AHO F . -6.94 -20.27 -8.49
H12 A1AHO F . -8.99 -24.90 -9.14
H14 A1AHO F . -11.54 -21.88 -10.85
H3 A1AHO F . -7.62 -19.03 -10.85
H16 A1AHO F . -4.10 -16.36 -9.94
H17 A1AHO F . -4.62 -17.51 -11.14
H5 A1AHO F . -4.89 -21.48 -8.99
H4 A1AHO F . -4.08 -19.92 -8.96
H24 A1AHO F . -9.61 -14.40 -8.34
H25 A1AHO F . -12.47 -13.28 -11.52
H26 A1AHO F . -11.94 -14.91 -11.99
H27 A1AHO F . -10.95 -13.50 -12.44
H29 A1AHO F . -7.44 -16.61 -12.21
H2 A1AHO F . -3.82 -20.41 -11.34
H9 A1AHO F . -2.45 -23.91 -13.59
H8 A1AHO F . -3.42 -26.42 -14.20
H13 A1AHO F . -12.28 -23.72 -9.88
N1 A1AHO G . -14.17 9.60 -12.00
C4 A1AHO G . -10.98 11.71 -15.81
C5 A1AHO G . -9.82 12.46 -16.37
C6 A1AHO G . -8.93 11.90 -17.29
C7 A1AHO G . -7.88 12.66 -17.81
C8 A1AHO G . -7.74 13.99 -17.40
C10 A1AHO G . -9.67 13.80 -15.99
C13 A1AHO G . -9.00 9.23 -14.63
C15 A1AHO G . -8.78 6.91 -15.24
C17 A1AHO G . -10.77 8.10 -15.84
C20 A1AHO G . -15.73 7.69 -12.73
C21 A1AHO G . -17.09 7.02 -12.77
C22 A1AHO G . -16.02 6.44 -11.92
C24 A1AHO G . -12.28 9.13 -10.58
C26 A1AHO G . -10.75 7.35 -11.12
C28 A1AHO G . -11.50 7.05 -12.27
C1 A1AHO G . -12.40 11.44 -13.39
C11 A1AHO G . -11.13 10.47 -15.28
C12 A1AHO G . -10.26 9.26 -15.24
C14 A1AHO G . -8.25 8.06 -14.63
C16 A1AHO G . -10.03 6.92 -15.84
C18 A1AHO G . -12.48 10.48 -14.59
C19 A1AHO G . -15.52 9.00 -11.94
C2 A1AHO G . -12.28 12.82 -14.05
C23 A1AHO G . -13.03 8.84 -11.72
C25 A1AHO G . -11.15 8.38 -10.27
C27 A1AHO G . -9.00 5.89 -11.70
C29 A1AHO G . -12.63 7.80 -12.58
C3 A1AHO G . -12.31 12.41 -15.53
C9 A1AHO G . -8.62 14.57 -16.49
O1 A1AHO G . -13.74 12.06 -11.11
O2 A1AHO G . -6.70 14.74 -17.89
O3 A1AHO G . -8.06 5.75 -15.25
O4 A1AHO G . -13.20 11.31 -15.47
O5 A1AHO G . -9.62 6.69 -10.71
O6 A1AHO G . -15.11 11.75 -13.24
S1 A1AHO G . -13.99 11.34 -12.36
H6 A1AHO G . -9.03 10.87 -17.61
H7 A1AHO G . -7.19 12.23 -18.51
H10 A1AHO G . -10.36 14.25 -15.29
H11 A1AHO G . -8.60 10.11 -14.14
H15 A1AHO G . -11.74 8.10 -16.29
H18 A1AHO G . -15.12 7.63 -13.63
H20 A1AHO G . -17.94 7.51 -12.29
H19 A1AHO G . -17.39 6.48 -13.67
H22 A1AHO G . -15.56 5.51 -12.22
H21 A1AHO G . -16.10 6.54 -10.84
H23 A1AHO G . -12.58 9.93 -9.93
H28 A1AHO G . -11.21 6.25 -12.94
H1 A1AHO G . -11.57 11.18 -12.75
H12 A1AHO G . -7.28 8.04 -14.17
H14 A1AHO G . -10.42 6.04 -16.32
H3 A1AHO G . -12.97 9.53 -14.44
H16 A1AHO G . -15.78 8.80 -10.90
H17 A1AHO G . -16.26 9.71 -12.29
H5 A1AHO G . -11.35 13.34 -13.80
H4 A1AHO G . -13.11 13.49 -13.80
H24 A1AHO G . -10.58 8.61 -9.38
H25 A1AHO G . -8.14 5.37 -11.26
H26 A1AHO G . -8.65 6.54 -12.51
H27 A1AHO G . -9.72 5.18 -12.09
H29 A1AHO G . -13.20 7.56 -13.46
H2 A1AHO G . -12.68 13.15 -16.25
H9 A1AHO G . -8.50 15.60 -16.18
H8 A1AHO G . -6.69 14.76 -18.85
H13 A1AHO G . -8.46 5.06 -15.78
N1 A1AHO H . -15.29 8.48 11.40
C4 A1AHO H . -15.38 12.22 15.28
C5 A1AHO H . -15.66 13.48 15.98
C6 A1AHO H . -16.67 13.62 16.95
C7 A1AHO H . -16.87 14.84 17.59
C8 A1AHO H . -16.05 15.92 17.26
C10 A1AHO H . -14.86 14.59 15.68
C13 A1AHO H . -18.39 12.01 14.39
C15 A1AHO H . -20.39 10.72 14.76
C17 A1AHO H . -18.24 9.83 15.38
C24 A1AHO H . -16.82 9.66 10.13
C26 A1AHO H . -19.15 9.74 10.72
C28 A1AHO H . -18.89 8.89 11.80
C1 A1AHO H . -15.05 10.81 12.80
C11 A1AHO H . -16.15 11.13 15.02
C12 A1AHO H . -17.62 10.99 14.93
C14 A1AHO H . -19.77 11.89 14.30
C16 A1AHO H . -19.63 9.69 15.30
C18 A1AHO H . -15.24 10.23 14.20
C19 A1AHO H . -14.99 7.18 11.34
C2 A1AHO H . -14.26 12.10 13.07
C23 A1AHO H . -16.59 8.82 11.19
C25 A1AHO H . -18.10 10.12 9.89
C27 A1AHO H . -21.40 10.16 11.33
C29 A1AHO H . -17.61 8.42 12.05
C3 A1AHO H . -14.04 11.97 14.59
C9 A1AHO H . -15.05 15.80 16.31
O1 A1AHO H . -13.73 10.30 10.47
O2 A1AHO H . -16.22 17.13 17.89
O3 A1AHO H . -21.74 10.59 14.68
O4 A1AHO H . -13.96 10.57 14.70
O5 A1AHO H . -20.37 10.26 10.37
O6 A1AHO H . -12.99 9.01 12.56
S1 A1AHO H . -14.03 9.64 11.74
H6 A1AHO H . -17.30 12.78 17.21
H7 A1AHO H . -17.65 14.94 18.33
H10 A1AHO H . -14.07 14.49 14.93
H11 A1AHO H . -17.92 12.92 14.02
H15 A1AHO H . -17.65 9.02 15.80
H23 A1AHO H . -16.01 9.97 9.48
H28 A1AHO H . -19.68 8.57 12.47
H1 A1AHO H . -16.00 10.99 12.30
H12 A1AHO H . -20.36 12.69 13.88
H14 A1AHO H . -20.10 8.78 15.65
H3 A1AHO H . -15.44 9.16 14.27
H16 A1AHO H . -15.87 6.60 11.09
H17 A1AHO H . -13.92 7.04 11.55
H5 A1AHO H . -14.83 13.01 12.83
H4 A1AHO H . -13.32 12.15 12.53
H24 A1AHO H . -18.29 10.77 9.04
H25 A1AHO H . -22.36 10.35 10.86
H26 A1AHO H . -21.23 10.89 12.12
H27 A1AHO H . -21.40 9.15 11.75
H29 A1AHO H . -17.41 7.76 12.89
H2 A1AHO H . -13.15 12.44 14.99
H9 A1AHO H . -14.41 16.65 16.07
H8 A1AHO H . -16.25 17.87 17.29
H13 A1AHO H . -22.22 11.24 15.21
#